data_7NU2
#
_entry.id   7NU2
#
_cell.length_a   48.703
_cell.length_b   82.410
_cell.length_c   227.571
_cell.angle_alpha   90.000
_cell.angle_beta   90.000
_cell.angle_gamma   90.000
#
_symmetry.space_group_name_H-M   'P 21 21 21'
#
loop_
_entity.id
_entity.type
_entity.pdbx_description
1 polymer 'Leucine--tRNA ligase'
2 non-polymer 1,2-ETHANEDIOL
3 non-polymer "ADENOSINE-5'-TRIPHOSPHATE"
4 non-polymer '[[(2~{R},3~{S},4~{R},5~{R})-5-(6-aminopurin-9-yl)-3,4-bis(oxidanyl)oxolan-2-yl]methoxy-oxidanyl-phosphoryl] (2~{S})-2-azanyl-4-methyl-pentanoate'
5 non-polymer 'ZINC ION'
6 non-polymer 'MAGNESIUM ION'
7 water water
#
_entity_poly.entity_id   1
_entity_poly.type   'polypeptide(L)'
_entity_poly.pdbx_seq_one_letter_code
;GMQEHYQPAAIEPAAQKKWDDARISNVSEDASKPKYYCLSMFPYPSGKLHMGHVRNYTIGDVLSRFKLLNGFNVMQPMGW
DAFGMPAENAAMKNNVAPAAWTYDNIEYMKTQLKSLGFAVDWEREVATCKPEYYRWEQWLFTKLFEKGIVYRKNGTVNWD
PVDQTVLANGQVIDGRGWRSGALIEKREIPMYYFKITDYAEELLNDLDKLEHWPEQVKTMQRNWIGKSRGMTVRFAVSDD
SKQGLEGDYAKFLQVYTTRPDTLMGATYVAVAAEHPLATAAAADKPELQAFIAECKAGSVAEADMATMEKKGVPTGRYVV
NPLNGDKLEVWIANYVLWGYGDGAVMAVPAHDERDFEFAAKYNLPKKQVIAVGDNAFDANRWQEWYGDKENGVLVNSGDL
DGLDFQTAFDAVAAKLQSQGAGEPKTQYRLRDWGISRQRYWGCPIPIVHCEKCGNVPVPADQLPVVLPENVVPDGMGSPL
AKMPEFYETSCPCCGGAAKRETDTMDTFIESSWYFFRYMSPKFSDGMVSAESAKYWGAVDQYIGGIEHAILHLLYARFFT
KLMRDEGLVNVDEPFERLLTQGMVVCETYYRENDKGGKDWINPADVELTFDDKGRPVSAVLKADGLPVVISGTEKMSKSK
NNGVDPQELINAYGADTARLFMMFAAPPEQSLEWSDSGVEGAHRFLRRLWRTVYEYLKQGGAVKAFAGNQDGLSKELKDL
RHKLHSTTAKVSDDYGRRQQFNTAIAAVMELLNQYDKTDTGSEQGRAVAQEVLEAAVRLLWPIVPHICETLWSELNGAKL
WEAGWPTVDEAALVKSEIEVMVQVNGKLRGKITVAADASKADLEAAALANEGAVKFMEGKPAKKIIVVPGRLVNIVV
;
_entity_poly.pdbx_strand_id   A
#
loop_
_chem_comp.id
_chem_comp.type
_chem_comp.name
_chem_comp.formula
ATP non-polymer ADENOSINE-5'-TRIPHOSPHATE 'C10 H16 N5 O13 P3'
EDO non-polymer 1,2-ETHANEDIOL 'C2 H6 O2'
MG non-polymer 'MAGNESIUM ION' 'Mg 2'
USB non-polymer '[[(2~{R},3~{S},4~{R},5~{R})-5-(6-aminopurin-9-yl)-3,4-bis(oxidanyl)oxolan-2-yl]methoxy-oxidanyl-phosphoryl] (2~{S})-2-azanyl-4-methyl-pentanoate' 'C16 H25 N6 O8 P'
ZN non-polymer 'ZINC ION' 'Zn 2'
#
# COMPACT_ATOMS: atom_id res chain seq x y z
N MET A 2 17.33 -5.29 41.86
CA MET A 2 17.30 -5.70 40.46
C MET A 2 17.98 -7.05 40.25
N GLN A 3 17.30 -7.97 39.59
CA GLN A 3 17.91 -9.25 39.24
C GLN A 3 19.00 -9.07 38.21
N GLU A 4 20.04 -9.89 38.31
CA GLU A 4 21.22 -9.72 37.48
C GLU A 4 21.00 -10.14 36.03
N HIS A 5 20.19 -11.16 35.78
CA HIS A 5 20.06 -11.70 34.44
C HIS A 5 18.74 -11.32 33.80
N TYR A 6 18.79 -11.12 32.49
CA TYR A 6 17.63 -10.77 31.70
C TYR A 6 16.75 -12.00 31.50
N GLN A 7 15.49 -11.93 31.97
CA GLN A 7 14.54 -13.03 31.82
C GLN A 7 13.25 -12.53 31.18
N PRO A 8 13.19 -12.50 29.85
CA PRO A 8 11.98 -11.98 29.19
C PRO A 8 10.71 -12.74 29.57
N ALA A 9 10.80 -14.06 29.72
CA ALA A 9 9.62 -14.85 30.05
C ALA A 9 8.93 -14.35 31.32
N ALA A 10 9.71 -13.78 32.26
CA ALA A 10 9.17 -13.19 33.47
C ALA A 10 8.74 -11.73 33.28
N ILE A 11 9.63 -10.88 32.76
CA ILE A 11 9.35 -9.45 32.76
C ILE A 11 8.35 -9.02 31.69
N GLU A 12 8.16 -9.79 30.61
CA GLU A 12 7.25 -9.32 29.56
C GLU A 12 5.78 -9.43 29.98
N PRO A 13 5.30 -10.55 30.54
CA PRO A 13 3.94 -10.54 31.10
C PRO A 13 3.72 -9.45 32.13
N ALA A 14 4.69 -9.24 33.04
CA ALA A 14 4.51 -8.24 34.08
C ALA A 14 4.43 -6.83 33.49
N ALA A 15 5.24 -6.54 32.48
CA ALA A 15 5.14 -5.23 31.83
C ALA A 15 3.78 -5.06 31.16
N GLN A 16 3.28 -6.10 30.51
CA GLN A 16 1.99 -6.01 29.83
C GLN A 16 0.86 -5.82 30.83
N LYS A 17 0.92 -6.51 31.98
CA LYS A 17 -0.08 -6.28 33.01
C LYS A 17 -0.04 -4.84 33.50
N LYS A 18 1.17 -4.30 33.67
CA LYS A 18 1.32 -2.93 34.12
C LYS A 18 0.67 -1.94 33.15
N TRP A 19 0.92 -2.09 31.84
CA TRP A 19 0.29 -1.20 30.88
C TRP A 19 -1.22 -1.37 30.85
N ASP A 20 -1.69 -2.63 30.84
CA ASP A 20 -3.13 -2.89 30.84
C ASP A 20 -3.81 -2.29 32.06
N ASP A 21 -3.19 -2.43 33.22
CA ASP A 21 -3.81 -1.89 34.43
C ASP A 21 -3.84 -0.37 34.39
N ALA A 22 -2.83 0.26 33.80
CA ALA A 22 -2.81 1.71 33.68
C ALA A 22 -3.69 2.22 32.53
N ARG A 23 -4.22 1.34 31.69
CA ARG A 23 -5.13 1.70 30.60
C ARG A 23 -4.51 2.75 29.66
N ILE A 24 -3.19 2.75 29.50
CA ILE A 24 -2.55 3.78 28.70
C ILE A 24 -2.94 3.68 27.23
N SER A 25 -3.34 2.51 26.75
CA SER A 25 -3.74 2.35 25.36
C SER A 25 -5.26 2.38 25.15
N ASN A 26 -6.04 2.51 26.21
CA ASN A 26 -7.50 2.61 26.12
C ASN A 26 -7.85 4.09 26.11
N VAL A 27 -8.18 4.62 24.93
CA VAL A 27 -8.25 6.07 24.75
C VAL A 27 -9.69 6.51 24.51
N SER A 28 -9.98 7.73 24.94
CA SER A 28 -11.24 8.41 24.66
C SER A 28 -10.98 9.59 23.74
N GLU A 29 -12.06 10.24 23.32
CA GLU A 29 -11.96 11.49 22.55
C GLU A 29 -11.65 12.62 23.53
N ASP A 30 -10.39 12.69 23.93
CA ASP A 30 -9.92 13.62 24.96
C ASP A 30 -9.47 14.91 24.30
N ALA A 31 -10.26 15.98 24.43
CA ALA A 31 -9.91 17.26 23.83
C ALA A 31 -8.68 17.89 24.47
N SER A 32 -8.31 17.46 25.67
CA SER A 32 -7.16 18.02 26.38
C SER A 32 -5.83 17.44 25.90
N LYS A 33 -5.84 16.62 24.85
CA LYS A 33 -4.62 16.04 24.33
C LYS A 33 -4.70 16.00 22.81
N PRO A 34 -3.59 16.26 22.12
CA PRO A 34 -3.59 16.18 20.66
C PRO A 34 -3.74 14.74 20.20
N LYS A 35 -4.63 14.52 19.25
CA LYS A 35 -4.95 13.18 18.80
C LYS A 35 -3.87 12.66 17.85
N TYR A 36 -3.74 11.35 17.79
CA TYR A 36 -2.89 10.72 16.78
C TYR A 36 -3.44 9.33 16.51
N TYR A 37 -3.82 9.08 15.27
CA TYR A 37 -4.48 7.84 14.89
C TYR A 37 -3.49 7.09 13.99
N CYS A 38 -2.88 6.04 14.55
CA CYS A 38 -1.98 5.16 13.82
C CYS A 38 -2.67 3.83 13.57
N LEU A 39 -2.67 3.39 12.32
CA LEU A 39 -3.46 2.24 11.90
C LEU A 39 -2.61 1.31 11.04
N SER A 40 -2.62 0.03 11.40
CA SER A 40 -2.03 -1.02 10.57
C SER A 40 -3.15 -1.82 9.92
N MET A 41 -2.94 -2.23 8.67
CA MET A 41 -3.97 -2.99 7.96
C MET A 41 -4.36 -4.24 8.74
N PHE A 42 -5.63 -4.35 9.11
CA PHE A 42 -6.06 -5.46 9.95
C PHE A 42 -6.00 -6.78 9.18
N PRO A 43 -5.70 -7.88 9.88
CA PRO A 43 -5.45 -9.16 9.20
C PRO A 43 -6.72 -9.96 8.93
N TYR A 44 -6.62 -10.86 7.93
CA TYR A 44 -7.62 -11.91 7.79
C TYR A 44 -7.40 -12.92 8.91
N PRO A 45 -8.43 -13.28 9.67
CA PRO A 45 -8.22 -14.30 10.73
C PRO A 45 -8.21 -15.71 10.14
N SER A 46 -7.15 -16.03 9.41
CA SER A 46 -7.10 -17.27 8.65
C SER A 46 -6.38 -18.40 9.39
N GLY A 47 -6.03 -18.20 10.65
CA GLY A 47 -5.36 -19.24 11.41
C GLY A 47 -4.29 -18.73 12.35
N LYS A 48 -3.11 -18.43 11.83
CA LYS A 48 -2.00 -17.96 12.65
C LYS A 48 -1.32 -16.79 11.96
N LEU A 49 -0.99 -15.76 12.73
CA LEU A 49 -0.11 -14.74 12.22
C LEU A 49 1.32 -15.27 12.15
N HIS A 50 2.13 -14.69 11.28
CA HIS A 50 3.54 -15.05 11.23
C HIS A 50 4.36 -13.77 11.33
N MET A 51 5.69 -13.91 11.24
CA MET A 51 6.58 -12.77 11.46
C MET A 51 6.41 -11.69 10.41
N GLY A 52 5.88 -12.01 9.23
CA GLY A 52 5.57 -10.96 8.27
C GLY A 52 4.53 -10.00 8.82
N HIS A 53 3.41 -10.54 9.30
CA HIS A 53 2.41 -9.74 9.99
C HIS A 53 3.04 -8.98 11.15
N VAL A 54 3.86 -9.67 11.95
CA VAL A 54 4.46 -9.04 13.13
C VAL A 54 5.30 -7.84 12.74
N ARG A 55 6.05 -7.94 11.64
CA ARG A 55 6.82 -6.78 11.20
C ARG A 55 5.90 -5.60 10.95
N ASN A 56 4.79 -5.82 10.26
CA ASN A 56 3.79 -4.78 10.02
C ASN A 56 3.31 -4.17 11.33
N TYR A 57 2.91 -5.02 12.27
CA TYR A 57 2.28 -4.48 13.47
C TYR A 57 3.30 -3.90 14.45
N THR A 58 4.56 -4.37 14.40
CA THR A 58 5.60 -3.73 15.18
C THR A 58 5.93 -2.33 14.67
N ILE A 59 5.96 -2.15 13.34
CA ILE A 59 6.20 -0.81 12.79
C ILE A 59 5.15 0.17 13.31
N GLY A 60 3.88 -0.22 13.28
CA GLY A 60 2.84 0.66 13.79
C GLY A 60 2.98 0.92 15.29
N ASP A 61 3.36 -0.11 16.04
CA ASP A 61 3.53 0.07 17.48
C ASP A 61 4.70 0.99 17.79
N VAL A 62 5.79 0.87 17.04
CA VAL A 62 6.91 1.81 17.20
C VAL A 62 6.42 3.24 17.01
N LEU A 63 5.71 3.49 15.90
CA LEU A 63 5.20 4.84 15.63
C LEU A 63 4.24 5.26 16.73
N SER A 64 3.34 4.37 17.13
CA SER A 64 2.35 4.71 18.16
C SER A 64 3.02 5.03 19.50
N ARG A 65 4.00 4.22 19.90
CA ARG A 65 4.64 4.43 21.20
C ARG A 65 5.50 5.69 21.19
N PHE A 66 6.16 5.97 20.08
CA PHE A 66 6.89 7.23 19.94
C PHE A 66 5.95 8.41 20.16
N LYS A 67 4.81 8.43 19.47
CA LYS A 67 3.86 9.53 19.64
C LYS A 67 3.28 9.55 21.04
N LEU A 68 3.03 8.37 21.62
CA LEU A 68 2.57 8.32 23.01
C LEU A 68 3.54 9.03 23.94
N LEU A 69 4.83 8.72 23.82
CA LEU A 69 5.84 9.32 24.70
C LEU A 69 5.92 10.83 24.51
N ASN A 70 5.56 11.34 23.33
CA ASN A 70 5.56 12.77 23.08
C ASN A 70 4.24 13.42 23.46
N GLY A 71 3.41 12.74 24.26
CA GLY A 71 2.22 13.35 24.80
C GLY A 71 1.01 13.37 23.89
N PHE A 72 0.98 12.54 22.86
CA PHE A 72 -0.21 12.44 22.02
C PHE A 72 -1.21 11.48 22.63
N ASN A 73 -2.49 11.77 22.39
CA ASN A 73 -3.57 10.83 22.68
C ASN A 73 -3.65 9.86 21.51
N VAL A 74 -3.06 8.68 21.67
CA VAL A 74 -2.82 7.76 20.56
C VAL A 74 -3.88 6.67 20.53
N MET A 75 -4.61 6.58 19.42
CA MET A 75 -5.46 5.44 19.14
C MET A 75 -4.75 4.52 18.17
N GLN A 76 -4.52 3.27 18.58
CA GLN A 76 -3.95 2.24 17.72
C GLN A 76 -4.87 1.04 17.78
N PRO A 77 -5.81 0.92 16.84
CA PRO A 77 -6.83 -0.13 16.92
C PRO A 77 -6.47 -1.38 16.14
N MET A 78 -7.02 -2.49 16.61
CA MET A 78 -6.82 -3.78 15.98
C MET A 78 -8.18 -4.42 15.74
N GLY A 79 -8.23 -5.31 14.75
CA GLY A 79 -9.50 -5.88 14.33
C GLY A 79 -9.26 -6.99 13.33
N TRP A 80 -10.37 -7.55 12.84
CA TRP A 80 -10.34 -8.80 12.07
C TRP A 80 -11.15 -8.65 10.79
N ASP A 81 -10.48 -8.82 9.66
CA ASP A 81 -11.08 -8.71 8.32
C ASP A 81 -11.63 -10.09 8.00
N ALA A 82 -12.85 -10.35 8.44
CA ALA A 82 -13.24 -11.70 8.78
C ALA A 82 -14.00 -12.44 7.69
N PHE A 83 -14.65 -11.73 6.77
CA PHE A 83 -15.35 -12.44 5.72
C PHE A 83 -14.36 -12.89 4.64
N GLY A 84 -14.81 -13.80 3.78
CA GLY A 84 -14.08 -14.13 2.59
C GLY A 84 -13.89 -15.62 2.41
N MET A 85 -13.16 -15.96 1.36
CA MET A 85 -12.97 -17.33 0.91
C MET A 85 -12.09 -18.19 1.79
N PRO A 86 -11.11 -17.63 2.54
CA PRO A 86 -10.35 -18.49 3.48
C PRO A 86 -11.21 -19.40 4.35
N ALA A 87 -12.25 -18.86 4.98
CA ALA A 87 -13.07 -19.68 5.88
C ALA A 87 -13.94 -20.66 5.11
N GLU A 88 -14.40 -20.29 3.91
CA GLU A 88 -15.22 -21.23 3.14
C GLU A 88 -14.41 -22.43 2.70
N ASN A 89 -13.17 -22.21 2.27
CA ASN A 89 -12.29 -23.32 1.94
C ASN A 89 -12.06 -24.19 3.15
N ALA A 90 -11.84 -23.57 4.32
CA ALA A 90 -11.71 -24.34 5.55
C ALA A 90 -12.98 -25.15 5.83
N ALA A 91 -14.15 -24.58 5.50
CA ALA A 91 -15.40 -25.30 5.71
C ALA A 91 -15.50 -26.53 4.83
N MET A 92 -15.06 -26.42 3.57
CA MET A 92 -15.09 -27.57 2.68
C MET A 92 -14.05 -28.62 3.09
N LYS A 93 -12.96 -28.18 3.74
CA LYS A 93 -11.91 -29.11 4.12
C LYS A 93 -12.22 -29.80 5.44
N ASN A 94 -12.46 -29.03 6.49
CA ASN A 94 -12.62 -29.57 7.83
C ASN A 94 -14.08 -29.80 8.22
N ASN A 95 -15.03 -29.53 7.33
CA ASN A 95 -16.45 -29.72 7.58
C ASN A 95 -16.89 -29.00 8.86
N VAL A 96 -16.51 -27.72 8.94
CA VAL A 96 -16.82 -26.88 10.09
C VAL A 96 -17.41 -25.56 9.56
N ALA A 97 -18.19 -24.91 10.41
CA ALA A 97 -18.84 -23.67 10.00
C ALA A 97 -17.79 -22.56 9.83
N PRO A 98 -17.91 -21.74 8.78
CA PRO A 98 -16.97 -20.61 8.64
C PRO A 98 -16.94 -19.69 9.85
N ALA A 99 -18.09 -19.41 10.46
CA ALA A 99 -18.09 -18.56 11.65
C ALA A 99 -17.24 -19.17 12.77
N ALA A 100 -17.50 -20.43 13.11
CA ALA A 100 -16.78 -21.07 14.21
C ALA A 100 -15.29 -21.13 13.94
N TRP A 101 -14.91 -21.49 12.71
CA TRP A 101 -13.51 -21.48 12.33
C TRP A 101 -12.91 -20.10 12.48
N THR A 102 -13.64 -19.07 12.05
CA THR A 102 -13.14 -17.70 12.12
C THR A 102 -12.92 -17.27 13.56
N TYR A 103 -13.90 -17.52 14.43
CA TYR A 103 -13.79 -17.08 15.82
C TYR A 103 -12.69 -17.85 16.56
N ASP A 104 -12.51 -19.13 16.24
CA ASP A 104 -11.38 -19.87 16.79
C ASP A 104 -10.06 -19.22 16.36
N ASN A 105 -9.95 -18.82 15.09
CA ASN A 105 -8.71 -18.19 14.65
C ASN A 105 -8.51 -16.84 15.33
N ILE A 106 -9.59 -16.07 15.52
CA ILE A 106 -9.45 -14.76 16.15
C ILE A 106 -8.92 -14.90 17.56
N GLU A 107 -9.45 -15.87 18.31
CA GLU A 107 -8.99 -16.11 19.68
C GLU A 107 -7.49 -16.37 19.72
N TYR A 108 -7.00 -17.30 18.90
CA TYR A 108 -5.58 -17.62 18.88
C TYR A 108 -4.74 -16.41 18.47
N MET A 109 -5.13 -15.76 17.38
CA MET A 109 -4.33 -14.66 16.86
C MET A 109 -4.32 -13.48 17.82
N LYS A 110 -5.41 -13.26 18.56
CA LYS A 110 -5.42 -12.16 19.52
C LYS A 110 -4.40 -12.41 20.63
N THR A 111 -4.31 -13.65 21.12
CA THR A 111 -3.27 -13.96 22.09
C THR A 111 -1.88 -13.84 21.48
N GLN A 112 -1.73 -14.14 20.20
CA GLN A 112 -0.45 -13.87 19.53
C GLN A 112 -0.10 -12.38 19.64
N LEU A 113 -1.07 -11.53 19.34
CA LEU A 113 -0.87 -10.09 19.38
C LEU A 113 -0.63 -9.61 20.81
N LYS A 114 -1.42 -10.12 21.76
CA LYS A 114 -1.23 -9.77 23.16
C LYS A 114 0.18 -10.09 23.63
N SER A 115 0.71 -11.25 23.23
CA SER A 115 2.03 -11.66 23.71
C SER A 115 3.13 -10.75 23.20
N LEU A 116 2.91 -10.08 22.08
CA LEU A 116 3.92 -9.18 21.51
C LEU A 116 3.92 -7.81 22.18
N GLY A 117 2.92 -7.51 23.01
CA GLY A 117 2.91 -6.26 23.73
C GLY A 117 2.70 -5.01 22.91
N PHE A 118 1.86 -5.08 21.88
CA PHE A 118 1.49 -3.88 21.14
C PHE A 118 0.56 -3.01 21.97
N ALA A 119 0.76 -1.70 21.86
CA ALA A 119 -0.04 -0.70 22.60
C ALA A 119 -1.36 -0.47 21.88
N VAL A 120 -2.24 -1.47 21.94
CA VAL A 120 -3.48 -1.52 21.18
C VAL A 120 -4.66 -1.22 22.08
N ASP A 121 -5.63 -0.45 21.56
CA ASP A 121 -6.88 -0.23 22.28
C ASP A 121 -7.82 -1.40 22.00
N TRP A 122 -7.71 -2.46 22.81
CA TRP A 122 -8.56 -3.62 22.59
C TRP A 122 -10.04 -3.34 22.88
N GLU A 123 -10.37 -2.23 23.53
CA GLU A 123 -11.77 -1.87 23.69
C GLU A 123 -12.40 -1.42 22.38
N ARG A 124 -11.61 -1.16 21.36
CA ARG A 124 -12.11 -0.79 20.04
C ARG A 124 -12.02 -1.94 19.05
N GLU A 125 -11.77 -3.17 19.53
CA GLU A 125 -11.68 -4.31 18.63
C GLU A 125 -12.99 -4.52 17.87
N VAL A 126 -12.87 -4.79 16.56
CA VAL A 126 -14.04 -5.13 15.76
C VAL A 126 -13.75 -6.42 15.01
N ALA A 127 -14.81 -7.17 14.73
CA ALA A 127 -14.75 -8.34 13.87
C ALA A 127 -15.82 -8.16 12.80
N THR A 128 -15.40 -8.06 11.54
CA THR A 128 -16.30 -7.56 10.50
C THR A 128 -17.43 -8.53 10.17
N CYS A 129 -17.33 -9.79 10.61
CA CYS A 129 -18.40 -10.72 10.35
C CYS A 129 -19.53 -10.62 11.38
N LYS A 130 -19.41 -9.72 12.37
CA LYS A 130 -20.45 -9.57 13.37
C LYS A 130 -21.54 -8.63 12.85
N PRO A 131 -22.82 -8.97 13.10
CA PRO A 131 -23.90 -8.10 12.59
C PRO A 131 -23.78 -6.66 13.05
N GLU A 132 -23.30 -6.45 14.29
CA GLU A 132 -23.10 -5.10 14.80
C GLU A 132 -22.16 -4.28 13.91
N TYR A 133 -21.29 -4.93 13.14
CA TYR A 133 -20.45 -4.23 12.18
C TYR A 133 -21.12 -4.11 10.81
N TYR A 134 -21.40 -5.24 10.16
CA TYR A 134 -21.79 -5.16 8.75
C TYR A 134 -23.19 -4.59 8.53
N ARG A 135 -24.00 -4.45 9.59
CA ARG A 135 -25.28 -3.76 9.43
C ARG A 135 -25.10 -2.36 8.85
N TRP A 136 -23.94 -1.73 9.08
CA TRP A 136 -23.75 -0.34 8.68
C TRP A 136 -23.31 -0.21 7.24
N GLU A 137 -22.58 -1.19 6.71
CA GLU A 137 -22.34 -1.18 5.29
C GLU A 137 -23.60 -1.58 4.53
N GLN A 138 -24.42 -2.46 5.11
CA GLN A 138 -25.76 -2.67 4.55
C GLN A 138 -26.55 -1.37 4.58
N TRP A 139 -26.49 -0.62 5.68
CA TRP A 139 -27.18 0.66 5.74
C TRP A 139 -26.72 1.57 4.61
N LEU A 140 -25.40 1.74 4.45
CA LEU A 140 -24.91 2.62 3.40
C LEU A 140 -25.30 2.11 2.01
N PHE A 141 -25.34 0.79 1.84
CA PHE A 141 -25.77 0.21 0.57
C PHE A 141 -27.17 0.68 0.22
N THR A 142 -28.12 0.60 1.16
CA THR A 142 -29.50 1.00 0.84
C THR A 142 -29.61 2.49 0.56
N LYS A 143 -28.86 3.32 1.30
CA LYS A 143 -28.90 4.76 1.05
C LYS A 143 -28.40 5.09 -0.35
N LEU A 144 -27.31 4.44 -0.77
CA LEU A 144 -26.77 4.71 -2.09
C LEU A 144 -27.62 4.08 -3.19
N PHE A 145 -28.23 2.93 -2.91
CA PHE A 145 -29.13 2.30 -3.87
C PHE A 145 -30.27 3.23 -4.26
N GLU A 146 -30.88 3.89 -3.28
CA GLU A 146 -32.00 4.78 -3.58
C GLU A 146 -31.55 6.04 -4.31
N LYS A 147 -30.26 6.37 -4.26
CA LYS A 147 -29.68 7.47 -5.03
C LYS A 147 -29.16 7.04 -6.40
N GLY A 148 -29.18 5.75 -6.70
CA GLY A 148 -28.62 5.26 -7.94
C GLY A 148 -27.12 5.05 -7.92
N ILE A 149 -26.45 5.41 -6.83
CA ILE A 149 -25.00 5.22 -6.74
C ILE A 149 -24.67 3.73 -6.65
N VAL A 150 -25.54 2.96 -6.01
CA VAL A 150 -25.57 1.51 -6.17
C VAL A 150 -26.71 1.18 -7.12
N TYR A 151 -26.46 0.32 -8.09
CA TYR A 151 -27.49 -0.07 -9.05
C TYR A 151 -27.31 -1.53 -9.42
N ARG A 152 -28.38 -2.08 -9.99
CA ARG A 152 -28.46 -3.47 -10.41
C ARG A 152 -28.43 -3.53 -11.93
N LYS A 153 -27.54 -4.35 -12.49
CA LYS A 153 -27.50 -4.54 -13.94
C LYS A 153 -26.87 -5.89 -14.23
N ASN A 154 -27.19 -6.43 -15.41
CA ASN A 154 -26.59 -7.69 -15.83
C ASN A 154 -25.09 -7.53 -16.04
N GLY A 155 -24.33 -8.51 -15.55
CA GLY A 155 -22.91 -8.58 -15.82
C GLY A 155 -22.52 -10.01 -16.15
N THR A 156 -21.28 -10.17 -16.60
CA THR A 156 -20.76 -11.47 -17.04
C THR A 156 -20.04 -12.18 -15.91
N VAL A 157 -20.27 -13.50 -15.80
CA VAL A 157 -19.63 -14.33 -14.79
C VAL A 157 -19.14 -15.64 -15.42
N ASN A 158 -18.23 -16.30 -14.71
CA ASN A 158 -17.68 -17.60 -15.12
C ASN A 158 -18.51 -18.70 -14.45
N TRP A 159 -19.28 -19.43 -15.24
CA TRP A 159 -20.12 -20.51 -14.74
C TRP A 159 -19.45 -21.86 -14.96
N ASP A 160 -19.32 -22.65 -13.90
CA ASP A 160 -18.79 -24.00 -13.98
C ASP A 160 -19.96 -24.97 -14.06
N PRO A 161 -20.17 -25.66 -15.19
CA PRO A 161 -21.37 -26.52 -15.31
C PRO A 161 -21.28 -27.81 -14.52
N VAL A 162 -20.10 -28.21 -14.05
CA VAL A 162 -19.93 -29.44 -13.31
C VAL A 162 -19.98 -29.22 -11.81
N ASP A 163 -19.22 -28.24 -11.32
CA ASP A 163 -19.27 -27.87 -9.91
C ASP A 163 -20.50 -27.05 -9.55
N GLN A 164 -21.22 -26.51 -10.54
CA GLN A 164 -22.49 -25.81 -10.34
C GLN A 164 -22.30 -24.54 -9.50
N THR A 165 -21.36 -23.70 -9.92
CA THR A 165 -20.95 -22.56 -9.11
C THR A 165 -20.24 -21.54 -9.98
N VAL A 166 -20.35 -20.27 -9.58
CA VAL A 166 -19.60 -19.22 -10.24
C VAL A 166 -18.13 -19.31 -9.85
N LEU A 167 -17.24 -19.01 -10.78
CA LEU A 167 -15.80 -19.06 -10.55
C LEU A 167 -15.19 -17.69 -10.75
N ALA A 168 -14.24 -17.35 -9.90
CA ALA A 168 -13.44 -16.14 -10.11
C ALA A 168 -12.58 -16.32 -11.36
N ASN A 169 -12.20 -15.18 -11.96
CA ASN A 169 -11.34 -15.22 -13.13
C ASN A 169 -9.98 -15.84 -12.84
N GLY A 170 -9.58 -15.87 -11.57
CA GLY A 170 -8.35 -16.54 -11.19
C GLY A 170 -8.46 -18.03 -11.07
N GLN A 171 -9.67 -18.57 -11.19
CA GLN A 171 -9.91 -20.01 -11.10
C GLN A 171 -10.32 -20.62 -12.43
N VAL A 172 -10.19 -19.89 -13.54
CA VAL A 172 -10.45 -20.42 -14.87
C VAL A 172 -9.11 -20.52 -15.59
N ILE A 173 -8.69 -21.75 -15.88
CA ILE A 173 -7.39 -22.04 -16.48
C ILE A 173 -7.63 -22.61 -17.87
N ASP A 174 -7.08 -21.95 -18.88
CA ASP A 174 -7.23 -22.38 -20.28
C ASP A 174 -8.70 -22.54 -20.65
N GLY A 175 -9.52 -21.57 -20.23
CA GLY A 175 -10.93 -21.57 -20.54
C GLY A 175 -11.76 -22.59 -19.78
N ARG A 176 -11.18 -23.27 -18.79
CA ARG A 176 -11.84 -24.36 -18.09
C ARG A 176 -11.76 -24.13 -16.59
N GLY A 177 -12.57 -24.88 -15.85
CA GLY A 177 -12.59 -24.76 -14.40
C GLY A 177 -11.33 -25.30 -13.77
N TRP A 178 -11.07 -24.84 -12.55
CA TRP A 178 -9.84 -25.18 -11.85
C TRP A 178 -9.92 -26.58 -11.24
N ARG A 179 -11.00 -26.85 -10.50
CA ARG A 179 -11.20 -28.16 -9.87
C ARG A 179 -12.10 -29.08 -10.70
N SER A 180 -12.33 -28.75 -11.97
CA SER A 180 -13.26 -29.53 -12.77
C SER A 180 -12.70 -29.81 -14.17
N GLY A 181 -11.98 -28.85 -14.73
CA GLY A 181 -11.51 -28.96 -16.10
C GLY A 181 -12.60 -28.88 -17.15
N ALA A 182 -13.82 -28.50 -16.75
CA ALA A 182 -14.93 -28.36 -17.68
C ALA A 182 -14.89 -26.98 -18.33
N LEU A 183 -15.33 -26.93 -19.58
CA LEU A 183 -15.36 -25.66 -20.30
C LEU A 183 -16.27 -24.67 -19.60
N ILE A 184 -15.72 -23.49 -19.30
CA ILE A 184 -16.46 -22.48 -18.57
C ILE A 184 -17.42 -21.76 -19.52
N GLU A 185 -18.64 -21.53 -19.06
CA GLU A 185 -19.63 -20.78 -19.82
C GLU A 185 -19.68 -19.34 -19.34
N LYS A 186 -19.74 -18.41 -20.28
CA LYS A 186 -19.98 -17.00 -19.97
C LYS A 186 -21.48 -16.81 -19.78
N ARG A 187 -21.87 -16.40 -18.57
CA ARG A 187 -23.28 -16.30 -18.22
C ARG A 187 -23.57 -14.88 -17.77
N GLU A 188 -24.66 -14.31 -18.28
CA GLU A 188 -25.11 -12.98 -17.90
C GLU A 188 -26.09 -13.11 -16.74
N ILE A 189 -25.78 -12.45 -15.63
CA ILE A 189 -26.67 -12.48 -14.46
C ILE A 189 -26.71 -11.10 -13.83
N PRO A 190 -27.87 -10.74 -13.26
CA PRO A 190 -27.98 -9.42 -12.62
C PRO A 190 -27.09 -9.36 -11.39
N MET A 191 -26.37 -8.26 -11.24
CA MET A 191 -25.49 -8.04 -10.09
C MET A 191 -25.57 -6.59 -9.69
N TYR A 192 -24.92 -6.27 -8.56
CA TYR A 192 -24.95 -4.92 -8.00
C TYR A 192 -23.60 -4.25 -8.17
N TYR A 193 -23.65 -2.94 -8.42
CA TYR A 193 -22.44 -2.17 -8.72
C TYR A 193 -22.47 -0.87 -7.96
N PHE A 194 -21.29 -0.46 -7.46
CA PHE A 194 -21.06 0.91 -7.03
C PHE A 194 -20.62 1.71 -8.24
N LYS A 195 -21.29 2.85 -8.45
CA LYS A 195 -21.00 3.73 -9.58
C LYS A 195 -19.77 4.58 -9.27
N ILE A 196 -18.63 3.88 -9.11
CA ILE A 196 -17.39 4.57 -8.75
C ILE A 196 -16.92 5.49 -9.88
N THR A 197 -17.35 5.22 -11.12
CA THR A 197 -16.98 6.09 -12.24
C THR A 197 -17.52 7.50 -12.06
N ASP A 198 -18.62 7.67 -11.34
CA ASP A 198 -19.10 9.02 -11.04
C ASP A 198 -18.12 9.81 -10.18
N TYR A 199 -17.23 9.13 -9.46
CA TYR A 199 -16.26 9.79 -8.60
C TYR A 199 -14.85 9.73 -9.18
N ALA A 200 -14.69 9.34 -10.45
CA ALA A 200 -13.36 9.13 -11.02
C ALA A 200 -12.53 10.41 -10.95
N GLU A 201 -13.11 11.55 -11.34
CA GLU A 201 -12.33 12.77 -11.39
C GLU A 201 -11.89 13.20 -9.99
N GLU A 202 -12.79 13.08 -9.02
CA GLU A 202 -12.45 13.38 -7.63
C GLU A 202 -11.37 12.44 -7.11
N LEU A 203 -11.55 11.12 -7.31
CA LEU A 203 -10.56 10.15 -6.85
C LEU A 203 -9.21 10.37 -7.49
N LEU A 204 -9.20 10.82 -8.75
CA LEU A 204 -7.93 11.08 -9.42
C LEU A 204 -7.29 12.35 -8.89
N ASN A 205 -8.05 13.45 -8.87
CA ASN A 205 -7.46 14.75 -8.56
C ASN A 205 -7.06 14.87 -7.09
N ASP A 206 -7.79 14.21 -6.19
CA ASP A 206 -7.48 14.33 -4.77
C ASP A 206 -6.18 13.64 -4.39
N LEU A 207 -5.65 12.79 -5.27
CA LEU A 207 -4.33 12.22 -5.05
C LEU A 207 -3.27 13.30 -4.89
N ASP A 208 -3.44 14.44 -5.57
CA ASP A 208 -2.45 15.51 -5.46
C ASP A 208 -2.38 16.07 -4.05
N LYS A 209 -3.49 16.00 -3.30
CA LYS A 209 -3.49 16.42 -1.89
C LYS A 209 -2.55 15.58 -1.03
N LEU A 210 -2.19 14.38 -1.47
CA LEU A 210 -1.55 13.39 -0.60
C LEU A 210 -0.02 13.52 -0.68
N GLU A 211 0.47 14.60 -0.08
CA GLU A 211 1.90 14.90 -0.17
C GLU A 211 2.75 13.94 0.65
N HIS A 212 2.16 13.18 1.56
CA HIS A 212 2.91 12.23 2.39
C HIS A 212 2.57 10.79 2.02
N TRP A 213 2.13 10.57 0.77
CA TRP A 213 2.01 9.24 0.21
C TRP A 213 3.21 8.93 -0.68
N PRO A 214 3.65 7.68 -0.76
CA PRO A 214 4.68 7.32 -1.74
C PRO A 214 4.19 7.60 -3.15
N GLU A 215 5.04 8.24 -3.96
CA GLU A 215 4.66 8.58 -5.31
C GLU A 215 4.23 7.37 -6.11
N GLN A 216 4.89 6.22 -5.93
CA GLN A 216 4.50 5.06 -6.73
C GLN A 216 3.07 4.61 -6.44
N VAL A 217 2.62 4.76 -5.19
CA VAL A 217 1.24 4.39 -4.87
C VAL A 217 0.27 5.31 -5.60
N LYS A 218 0.55 6.61 -5.58
CA LYS A 218 -0.26 7.56 -6.33
C LYS A 218 -0.21 7.27 -7.83
N THR A 219 0.99 7.00 -8.36
CA THR A 219 1.12 6.64 -9.76
C THR A 219 0.27 5.43 -10.11
N MET A 220 0.30 4.39 -9.26
CA MET A 220 -0.48 3.19 -9.56
C MET A 220 -1.97 3.48 -9.57
N GLN A 221 -2.44 4.32 -8.65
CA GLN A 221 -3.86 4.65 -8.62
C GLN A 221 -4.24 5.50 -9.83
N ARG A 222 -3.37 6.42 -10.22
CA ARG A 222 -3.64 7.23 -11.42
C ARG A 222 -3.76 6.34 -12.65
N ASN A 223 -2.85 5.39 -12.79
CA ASN A 223 -2.90 4.48 -13.95
C ASN A 223 -4.11 3.56 -13.88
N TRP A 224 -4.54 3.17 -12.67
CA TRP A 224 -5.74 2.34 -12.55
C TRP A 224 -6.97 3.10 -13.00
N ILE A 225 -7.14 4.33 -12.52
CA ILE A 225 -8.26 5.16 -12.95
C ILE A 225 -8.18 5.42 -14.45
N GLY A 226 -6.97 5.69 -14.95
CA GLY A 226 -6.76 5.69 -16.38
C GLY A 226 -7.50 6.75 -17.14
N LYS A 227 -7.51 7.98 -16.62
CA LYS A 227 -8.07 9.11 -17.35
C LYS A 227 -7.26 9.40 -18.60
N SER A 228 -7.97 9.71 -19.70
CA SER A 228 -7.33 10.19 -20.91
C SER A 228 -8.16 11.31 -21.50
N ARG A 229 -7.49 12.28 -22.10
CA ARG A 229 -8.13 13.38 -22.81
C ARG A 229 -7.98 13.09 -24.29
N GLY A 230 -9.08 12.76 -24.95
CA GLY A 230 -9.01 12.31 -26.32
C GLY A 230 -10.03 12.98 -27.21
N MET A 231 -10.28 12.39 -28.38
CA MET A 231 -11.17 12.96 -29.37
C MET A 231 -12.09 11.87 -29.88
N THR A 232 -13.40 12.13 -29.83
CA THR A 232 -14.36 11.34 -30.57
C THR A 232 -14.28 11.74 -32.03
N VAL A 233 -14.11 10.76 -32.92
CA VAL A 233 -14.00 11.01 -34.35
C VAL A 233 -14.95 10.08 -35.08
N ARG A 234 -15.75 10.65 -35.99
CA ARG A 234 -16.70 9.89 -36.79
C ARG A 234 -16.22 9.80 -38.23
N PHE A 235 -16.15 8.58 -38.76
CA PHE A 235 -15.84 8.34 -40.16
C PHE A 235 -17.13 7.93 -40.87
N ALA A 236 -17.52 8.71 -41.86
CA ALA A 236 -18.75 8.41 -42.59
C ALA A 236 -18.61 7.09 -43.33
N VAL A 237 -19.57 6.18 -43.12
CA VAL A 237 -19.56 4.92 -43.85
C VAL A 237 -19.68 5.21 -45.33
N SER A 238 -18.88 4.51 -46.14
CA SER A 238 -18.95 4.68 -47.58
C SER A 238 -20.27 4.11 -48.12
N ASP A 239 -20.65 4.60 -49.31
CA ASP A 239 -21.93 4.19 -49.89
C ASP A 239 -21.96 2.71 -50.25
N ASP A 240 -20.83 2.14 -50.66
CA ASP A 240 -20.74 0.73 -51.01
C ASP A 240 -20.70 -0.21 -49.82
N SER A 241 -20.71 0.32 -48.59
CA SER A 241 -20.42 -0.48 -47.40
C SER A 241 -21.53 -0.44 -46.36
N LYS A 242 -22.75 -0.07 -46.77
CA LYS A 242 -23.85 0.14 -45.84
C LYS A 242 -24.79 -1.04 -45.71
N GLN A 243 -24.59 -2.11 -46.49
CA GLN A 243 -25.53 -3.23 -46.46
C GLN A 243 -25.59 -3.86 -45.07
N GLY A 244 -26.81 -4.20 -44.64
CA GLY A 244 -27.02 -4.81 -43.33
C GLY A 244 -26.84 -3.90 -42.14
N LEU A 245 -26.59 -2.61 -42.36
CA LEU A 245 -26.33 -1.66 -41.28
C LEU A 245 -27.57 -0.82 -41.02
N GLU A 246 -27.85 -0.57 -39.73
CA GLU A 246 -29.04 0.15 -39.32
C GLU A 246 -28.66 1.35 -38.45
N GLY A 247 -29.40 2.44 -38.61
CA GLY A 247 -29.26 3.56 -37.69
C GLY A 247 -27.98 4.33 -37.91
N ASP A 248 -27.37 4.78 -36.79
CA ASP A 248 -26.14 5.56 -36.88
C ASP A 248 -24.99 4.72 -37.42
N TYR A 249 -24.97 3.42 -37.14
CA TYR A 249 -23.93 2.57 -37.69
C TYR A 249 -23.98 2.50 -39.20
N ALA A 250 -25.13 2.75 -39.82
CA ALA A 250 -25.18 2.85 -41.26
C ALA A 250 -24.62 4.18 -41.77
N LYS A 251 -24.58 5.21 -40.92
CA LYS A 251 -24.12 6.52 -41.36
C LYS A 251 -22.63 6.72 -41.09
N PHE A 252 -22.13 6.32 -39.93
CA PHE A 252 -20.73 6.58 -39.61
C PHE A 252 -20.18 5.50 -38.69
N LEU A 253 -18.86 5.42 -38.65
CA LEU A 253 -18.12 4.64 -37.68
C LEU A 253 -17.46 5.60 -36.70
N GLN A 254 -17.82 5.51 -35.43
CA GLN A 254 -17.30 6.41 -34.42
C GLN A 254 -16.19 5.71 -33.65
N VAL A 255 -15.07 6.42 -33.44
CA VAL A 255 -13.95 5.89 -32.67
C VAL A 255 -13.54 6.92 -31.63
N TYR A 256 -12.72 6.47 -30.69
CA TYR A 256 -12.08 7.34 -29.71
C TYR A 256 -10.57 7.24 -29.90
N THR A 257 -9.90 8.38 -29.93
CA THR A 257 -8.44 8.41 -30.07
C THR A 257 -7.85 9.44 -29.12
N THR A 258 -6.72 9.09 -28.51
CA THR A 258 -5.96 10.05 -27.73
C THR A 258 -4.94 10.79 -28.58
N ARG A 259 -4.80 10.43 -29.85
CA ARG A 259 -3.86 11.08 -30.76
C ARG A 259 -4.59 11.68 -31.97
N PRO A 260 -5.50 12.62 -31.75
CA PRO A 260 -6.17 13.25 -32.91
C PRO A 260 -5.23 14.10 -33.73
N ASP A 261 -4.04 14.44 -33.20
CA ASP A 261 -3.02 15.12 -33.97
C ASP A 261 -2.46 14.25 -35.08
N THR A 262 -2.74 12.95 -35.09
CA THR A 262 -2.25 12.04 -36.11
C THR A 262 -3.35 11.57 -37.05
N LEU A 263 -4.54 12.19 -36.98
CA LEU A 263 -5.69 11.72 -37.77
C LEU A 263 -5.42 11.80 -39.27
N MET A 264 -4.60 12.76 -39.70
CA MET A 264 -4.23 12.78 -41.12
C MET A 264 -3.34 11.61 -41.49
N GLY A 265 -2.82 10.87 -40.51
CA GLY A 265 -2.03 9.69 -40.76
C GLY A 265 -2.73 8.37 -40.56
N ALA A 266 -4.06 8.34 -40.47
CA ALA A 266 -4.74 7.07 -40.31
C ALA A 266 -4.78 6.33 -41.64
N THR A 267 -4.43 5.04 -41.60
CA THR A 267 -4.41 4.23 -42.81
C THR A 267 -5.44 3.11 -42.81
N TYR A 268 -5.90 2.67 -41.66
CA TYR A 268 -7.01 1.73 -41.59
C TYR A 268 -7.73 1.93 -40.27
N VAL A 269 -8.89 1.30 -40.14
CA VAL A 269 -9.72 1.38 -38.95
C VAL A 269 -10.00 -0.04 -38.48
N ALA A 270 -10.28 -0.20 -37.18
CA ALA A 270 -10.48 -1.52 -36.59
C ALA A 270 -11.68 -1.51 -35.65
N VAL A 271 -12.50 -2.56 -35.72
CA VAL A 271 -13.67 -2.64 -34.85
C VAL A 271 -13.61 -3.93 -34.04
N ALA A 272 -14.33 -3.92 -32.92
CA ALA A 272 -14.47 -5.10 -32.08
C ALA A 272 -15.32 -6.16 -32.76
N ALA A 273 -15.08 -7.42 -32.38
CA ALA A 273 -15.82 -8.52 -32.99
C ALA A 273 -17.33 -8.33 -32.86
N GLU A 274 -17.79 -7.77 -31.73
CA GLU A 274 -19.21 -7.56 -31.52
C GLU A 274 -19.74 -6.27 -32.16
N HIS A 275 -18.88 -5.50 -32.83
CA HIS A 275 -19.32 -4.23 -33.41
C HIS A 275 -20.27 -4.46 -34.57
N PRO A 276 -21.31 -3.63 -34.70
CA PRO A 276 -22.30 -3.82 -35.78
C PRO A 276 -21.72 -3.91 -37.18
N LEU A 277 -20.59 -3.26 -37.44
CA LEU A 277 -19.96 -3.41 -38.75
C LEU A 277 -19.32 -4.79 -38.90
N ALA A 278 -18.78 -5.35 -37.81
CA ALA A 278 -18.26 -6.71 -37.88
C ALA A 278 -19.37 -7.70 -38.20
N THR A 279 -20.52 -7.55 -37.55
CA THR A 279 -21.63 -8.47 -37.77
C THR A 279 -22.15 -8.40 -39.20
N ALA A 280 -22.26 -7.18 -39.76
CA ALA A 280 -22.81 -7.03 -41.09
C ALA A 280 -21.86 -7.55 -42.16
N ALA A 281 -20.55 -7.35 -41.96
CA ALA A 281 -19.60 -7.83 -42.96
C ALA A 281 -19.46 -9.34 -42.91
N ALA A 282 -19.64 -9.94 -41.73
CA ALA A 282 -19.54 -11.38 -41.57
C ALA A 282 -20.82 -12.11 -41.93
N ALA A 283 -21.81 -11.42 -42.50
CA ALA A 283 -23.08 -12.08 -42.81
C ALA A 283 -22.92 -13.12 -43.92
N ASP A 284 -22.12 -12.82 -44.93
CA ASP A 284 -21.89 -13.75 -46.04
C ASP A 284 -20.45 -14.25 -46.08
N LYS A 285 -19.68 -14.07 -45.01
CA LYS A 285 -18.26 -14.41 -45.00
C LYS A 285 -17.95 -15.35 -43.84
N PRO A 286 -17.89 -16.67 -44.09
CA PRO A 286 -17.61 -17.61 -43.00
C PRO A 286 -16.27 -17.38 -42.31
N GLU A 287 -15.26 -16.87 -43.03
CA GLU A 287 -13.97 -16.61 -42.38
C GLU A 287 -14.08 -15.54 -41.30
N LEU A 288 -14.94 -14.53 -41.52
CA LEU A 288 -15.14 -13.51 -40.49
C LEU A 288 -15.98 -14.03 -39.34
N GLN A 289 -16.96 -14.90 -39.62
CA GLN A 289 -17.69 -15.55 -38.52
C GLN A 289 -16.75 -16.36 -37.65
N ALA A 290 -15.83 -17.11 -38.27
CA ALA A 290 -14.87 -17.90 -37.51
C ALA A 290 -13.97 -17.00 -36.66
N PHE A 291 -13.53 -15.87 -37.21
CA PHE A 291 -12.66 -14.98 -36.47
C PHE A 291 -13.40 -14.30 -35.34
N ILE A 292 -14.63 -13.87 -35.58
CA ILE A 292 -15.46 -13.29 -34.52
C ILE A 292 -15.62 -14.27 -33.36
N ALA A 293 -15.99 -15.52 -33.67
CA ALA A 293 -16.22 -16.51 -32.61
C ALA A 293 -14.95 -16.77 -31.81
N GLU A 294 -13.79 -16.75 -32.46
CA GLU A 294 -12.53 -16.88 -31.74
C GLU A 294 -12.36 -15.76 -30.72
N CYS A 295 -12.68 -14.52 -31.12
CA CYS A 295 -12.54 -13.38 -30.23
C CYS A 295 -13.43 -13.52 -29.00
N LYS A 296 -14.72 -13.78 -29.22
CA LYS A 296 -15.65 -13.88 -28.11
C LYS A 296 -15.28 -15.03 -27.17
N ALA A 297 -14.59 -16.05 -27.68
CA ALA A 297 -14.08 -17.14 -26.85
C ALA A 297 -12.64 -16.86 -26.42
N GLY A 298 -12.48 -15.74 -25.72
CA GLY A 298 -11.17 -15.35 -25.24
C GLY A 298 -11.30 -14.56 -23.95
N SER A 299 -10.17 -14.41 -23.27
CA SER A 299 -10.10 -13.63 -22.05
C SER A 299 -9.82 -12.17 -22.40
N VAL A 300 -10.84 -11.31 -22.28
CA VAL A 300 -10.65 -9.87 -22.38
C VAL A 300 -9.82 -9.30 -21.23
N ALA A 301 -9.35 -10.13 -20.28
CA ALA A 301 -8.49 -9.63 -19.20
C ALA A 301 -7.23 -8.97 -19.75
N GLU A 302 -6.92 -7.77 -19.25
CA GLU A 302 -5.70 -7.07 -19.69
C GLU A 302 -4.44 -7.92 -19.49
N ALA A 303 -4.46 -8.82 -18.50
CA ALA A 303 -3.31 -9.69 -18.25
C ALA A 303 -2.97 -10.52 -19.49
N ASP A 304 -3.97 -11.13 -20.12
CA ASP A 304 -3.75 -11.90 -21.33
C ASP A 304 -3.70 -11.04 -22.59
N MET A 305 -4.12 -9.78 -22.50
CA MET A 305 -4.23 -8.92 -23.69
C MET A 305 -2.90 -8.32 -24.10
N ALA A 306 -2.09 -7.86 -23.14
CA ALA A 306 -0.77 -7.33 -23.48
C ALA A 306 0.15 -8.43 -24.01
N THR A 307 -0.04 -9.66 -23.54
CA THR A 307 0.68 -10.83 -24.05
C THR A 307 -0.03 -11.47 -25.24
N MET A 308 -1.14 -10.91 -25.70
CA MET A 308 -1.93 -11.50 -26.76
C MET A 308 -1.31 -11.20 -28.12
N GLU A 309 -1.35 -12.18 -29.01
CA GLU A 309 -0.94 -12.00 -30.41
C GLU A 309 -2.07 -11.28 -31.14
N LYS A 310 -1.80 -10.04 -31.56
CA LYS A 310 -2.84 -9.21 -32.16
C LYS A 310 -3.15 -9.70 -33.58
N LYS A 311 -4.41 -10.03 -33.84
CA LYS A 311 -4.83 -10.58 -35.10
C LYS A 311 -5.98 -9.75 -35.66
N GLY A 312 -6.18 -9.87 -36.97
CA GLY A 312 -7.27 -9.15 -37.63
C GLY A 312 -7.57 -9.76 -38.98
N VAL A 313 -8.78 -9.45 -39.46
CA VAL A 313 -9.18 -9.82 -40.81
C VAL A 313 -9.83 -8.60 -41.47
N PRO A 314 -9.64 -8.40 -42.79
CA PRO A 314 -10.33 -7.29 -43.45
C PRO A 314 -11.81 -7.62 -43.68
N THR A 315 -12.63 -6.56 -43.75
CA THR A 315 -14.06 -6.72 -43.88
C THR A 315 -14.61 -6.38 -45.27
N GLY A 316 -13.83 -5.74 -46.13
CA GLY A 316 -14.37 -5.25 -47.37
C GLY A 316 -15.31 -4.06 -47.24
N ARG A 317 -15.53 -3.55 -46.03
CA ARG A 317 -16.26 -2.32 -45.80
C ARG A 317 -15.28 -1.16 -45.62
N TYR A 318 -15.75 0.05 -45.90
CA TYR A 318 -14.88 1.21 -45.99
C TYR A 318 -15.52 2.43 -45.34
N VAL A 319 -14.68 3.28 -44.76
CA VAL A 319 -15.10 4.52 -44.13
C VAL A 319 -14.20 5.65 -44.62
N VAL A 320 -14.63 6.88 -44.37
CA VAL A 320 -13.99 8.05 -44.96
C VAL A 320 -13.44 8.94 -43.85
N ASN A 321 -12.13 9.16 -43.87
CA ASN A 321 -11.49 10.09 -42.95
C ASN A 321 -12.09 11.48 -43.15
N PRO A 322 -12.70 12.09 -42.13
CA PRO A 322 -13.39 13.36 -42.34
C PRO A 322 -12.46 14.55 -42.62
N LEU A 323 -11.15 14.41 -42.41
CA LEU A 323 -10.22 15.53 -42.59
C LEU A 323 -9.53 15.54 -43.94
N ASN A 324 -9.15 14.37 -44.48
CA ASN A 324 -8.48 14.31 -45.77
C ASN A 324 -9.23 13.49 -46.81
N GLY A 325 -10.43 13.01 -46.49
CA GLY A 325 -11.25 12.31 -47.45
C GLY A 325 -10.77 10.92 -47.85
N ASP A 326 -9.74 10.38 -47.21
CA ASP A 326 -9.26 9.05 -47.57
C ASP A 326 -10.31 7.98 -47.25
N LYS A 327 -10.34 6.96 -48.10
CA LYS A 327 -11.25 5.83 -47.96
C LYS A 327 -10.47 4.71 -47.25
N LEU A 328 -10.85 4.40 -46.02
CA LEU A 328 -10.11 3.48 -45.18
C LEU A 328 -10.90 2.19 -44.98
N GLU A 329 -10.21 1.06 -45.05
CA GLU A 329 -10.86 -0.22 -44.86
C GLU A 329 -11.03 -0.52 -43.38
N VAL A 330 -12.17 -1.12 -43.05
CA VAL A 330 -12.46 -1.57 -41.69
C VAL A 330 -11.94 -2.98 -41.52
N TRP A 331 -11.23 -3.22 -40.42
CA TRP A 331 -10.77 -4.53 -40.01
C TRP A 331 -11.46 -4.92 -38.71
N ILE A 332 -11.71 -6.21 -38.55
CA ILE A 332 -12.06 -6.77 -37.24
C ILE A 332 -10.76 -7.18 -36.56
N ALA A 333 -10.57 -6.76 -35.31
CA ALA A 333 -9.33 -7.04 -34.61
C ALA A 333 -9.62 -7.52 -33.19
N ASN A 334 -8.81 -8.47 -32.71
CA ASN A 334 -9.04 -9.02 -31.39
C ASN A 334 -8.62 -8.09 -30.26
N TYR A 335 -7.86 -7.03 -30.54
CA TYR A 335 -7.46 -6.11 -29.47
C TYR A 335 -8.49 -5.02 -29.23
N VAL A 336 -9.47 -4.86 -30.12
CA VAL A 336 -10.51 -3.85 -29.93
C VAL A 336 -11.58 -4.42 -29.01
N LEU A 337 -11.77 -3.79 -27.85
CA LEU A 337 -12.67 -4.30 -26.82
C LEU A 337 -14.03 -3.61 -26.93
N TRP A 338 -15.08 -4.40 -27.01
CA TRP A 338 -16.43 -3.88 -26.95
C TRP A 338 -16.75 -3.49 -25.51
N GLY A 339 -17.29 -2.28 -25.34
CA GLY A 339 -17.55 -1.74 -24.02
C GLY A 339 -16.55 -0.69 -23.57
N TYR A 340 -15.40 -0.58 -24.25
CA TYR A 340 -14.43 0.48 -23.98
C TYR A 340 -14.56 1.52 -25.08
N GLY A 341 -15.07 2.70 -24.73
CA GLY A 341 -15.28 3.72 -25.73
C GLY A 341 -16.33 3.29 -26.74
N ASP A 342 -16.00 3.42 -28.02
CA ASP A 342 -16.92 3.11 -29.10
C ASP A 342 -16.79 1.69 -29.61
N GLY A 343 -15.87 0.90 -29.06
CA GLY A 343 -15.62 -0.42 -29.62
C GLY A 343 -14.99 -0.39 -30.99
N ALA A 344 -14.36 0.72 -31.35
CA ALA A 344 -13.78 0.95 -32.67
C ALA A 344 -12.66 1.96 -32.52
N VAL A 345 -11.58 1.74 -33.26
CA VAL A 345 -10.41 2.60 -33.17
C VAL A 345 -9.89 2.89 -34.57
N MET A 346 -9.21 4.02 -34.71
CA MET A 346 -8.41 4.24 -35.90
C MET A 346 -7.01 3.70 -35.67
N ALA A 347 -6.28 3.51 -36.76
CA ALA A 347 -4.93 2.99 -36.67
C ALA A 347 -3.99 3.94 -37.39
N VAL A 348 -2.94 4.35 -36.69
CA VAL A 348 -1.89 5.19 -37.26
C VAL A 348 -0.58 4.42 -37.05
N PRO A 349 -0.23 3.52 -37.96
CA PRO A 349 0.95 2.67 -37.75
C PRO A 349 2.24 3.45 -37.56
N ALA A 350 2.39 4.61 -38.21
CA ALA A 350 3.66 5.32 -38.13
C ALA A 350 3.93 5.91 -36.74
N HIS A 351 2.95 5.92 -35.84
CA HIS A 351 3.14 6.62 -34.57
C HIS A 351 2.50 5.92 -33.38
N ASP A 352 2.04 4.67 -33.53
CA ASP A 352 1.59 3.85 -32.41
C ASP A 352 2.19 2.46 -32.60
N GLU A 353 2.87 1.97 -31.56
CA GLU A 353 3.65 0.75 -31.72
C GLU A 353 2.76 -0.45 -31.98
N ARG A 354 1.61 -0.51 -31.32
CA ARG A 354 0.64 -1.57 -31.58
C ARG A 354 0.18 -1.54 -33.03
N ASP A 355 -0.14 -0.35 -33.55
CA ASP A 355 -0.53 -0.21 -34.94
C ASP A 355 0.64 -0.48 -35.89
N PHE A 356 1.87 -0.20 -35.45
CA PHE A 356 3.02 -0.47 -36.31
C PHE A 356 3.23 -1.96 -36.51
N GLU A 357 3.16 -2.74 -35.42
CA GLU A 357 3.37 -4.18 -35.54
C GLU A 357 2.21 -4.85 -36.25
N PHE A 358 0.99 -4.40 -35.97
CA PHE A 358 -0.18 -4.91 -36.67
C PHE A 358 -0.04 -4.70 -38.18
N ALA A 359 0.34 -3.49 -38.59
CA ALA A 359 0.53 -3.20 -40.01
C ALA A 359 1.79 -3.85 -40.57
N ALA A 360 2.74 -4.20 -39.72
CA ALA A 360 3.90 -4.97 -40.20
C ALA A 360 3.51 -6.41 -40.49
N LYS A 361 2.52 -6.95 -39.76
CA LYS A 361 2.08 -8.31 -40.03
C LYS A 361 1.30 -8.38 -41.34
N TYR A 362 0.36 -7.45 -41.55
CA TYR A 362 -0.54 -7.50 -42.69
C TYR A 362 -0.13 -6.56 -43.81
N ASN A 363 1.02 -5.90 -43.69
CA ASN A 363 1.55 -5.04 -44.74
C ASN A 363 0.56 -3.91 -45.08
N LEU A 364 0.09 -3.26 -44.05
CA LEU A 364 -0.80 -2.12 -44.21
C LEU A 364 0.01 -0.82 -44.26
N PRO A 365 -0.51 0.22 -44.93
CA PRO A 365 0.27 1.44 -45.11
C PRO A 365 0.61 2.11 -43.78
N LYS A 366 1.78 2.79 -43.79
CA LYS A 366 2.24 3.55 -42.61
C LYS A 366 2.56 4.96 -43.14
N LYS A 367 1.79 5.97 -42.74
CA LYS A 367 1.96 7.35 -43.28
C LYS A 367 2.43 8.29 -42.17
N GLN A 368 3.63 8.86 -42.32
CA GLN A 368 4.21 9.77 -41.30
C GLN A 368 3.42 11.07 -41.28
N VAL A 369 3.02 11.50 -40.09
CA VAL A 369 2.33 12.81 -39.98
C VAL A 369 3.01 13.60 -38.86
N ILE A 370 4.06 13.03 -38.27
CA ILE A 370 4.73 13.69 -37.16
C ILE A 370 6.24 13.53 -37.33
N ALA A 371 6.95 14.65 -37.42
CA ALA A 371 8.40 14.67 -37.40
C ALA A 371 8.88 15.18 -36.05
N VAL A 372 9.90 14.52 -35.50
CA VAL A 372 10.45 14.92 -34.21
C VAL A 372 11.88 15.40 -34.42
N GLY A 373 12.04 16.54 -35.08
CA GLY A 373 13.34 17.14 -35.30
C GLY A 373 13.97 16.77 -36.61
N ASP A 374 15.17 16.17 -36.55
CA ASP A 374 15.87 15.68 -37.73
C ASP A 374 16.12 14.18 -37.64
N ASN A 375 15.27 13.48 -36.90
CA ASN A 375 15.40 12.04 -36.71
C ASN A 375 14.90 11.28 -37.93
N ALA A 376 15.52 10.13 -38.19
CA ALA A 376 15.23 9.34 -39.38
C ALA A 376 13.99 8.48 -39.17
N PHE A 377 13.05 8.57 -40.12
CA PHE A 377 11.82 7.78 -40.09
C PHE A 377 11.91 6.69 -41.15
N ASP A 378 12.06 5.44 -40.70
CA ASP A 378 12.04 4.28 -41.59
C ASP A 378 10.71 3.56 -41.39
N ALA A 379 9.91 3.52 -42.46
CA ALA A 379 8.60 2.87 -42.40
C ALA A 379 8.70 1.39 -42.04
N ASN A 380 9.90 0.81 -42.03
CA ASN A 380 10.10 -0.60 -41.72
C ASN A 380 10.78 -0.83 -40.38
N ARG A 381 10.85 0.19 -39.53
CA ARG A 381 11.49 0.05 -38.22
C ARG A 381 10.83 1.01 -37.24
N TRP A 382 10.32 0.46 -36.14
CA TRP A 382 9.73 1.28 -35.09
C TRP A 382 10.80 1.81 -34.15
N GLN A 383 10.70 3.10 -33.82
CA GLN A 383 11.63 3.73 -32.90
C GLN A 383 10.85 4.42 -31.79
N GLU A 384 11.48 4.53 -30.62
CA GLU A 384 10.80 5.04 -29.43
C GLU A 384 10.26 6.45 -29.62
N TRP A 385 10.83 7.23 -30.54
CA TRP A 385 10.37 8.60 -30.78
C TRP A 385 9.20 8.67 -31.76
N TYR A 386 8.83 7.56 -32.39
CA TYR A 386 7.70 7.58 -33.32
C TYR A 386 6.42 8.04 -32.62
N GLY A 387 6.25 7.66 -31.36
CA GLY A 387 5.07 8.04 -30.61
C GLY A 387 5.32 9.09 -29.55
N ASP A 388 6.30 9.95 -29.79
CA ASP A 388 6.60 11.03 -28.86
C ASP A 388 5.56 12.12 -28.99
N LYS A 389 4.85 12.40 -27.90
CA LYS A 389 3.86 13.47 -27.88
C LYS A 389 4.44 14.84 -27.56
N GLU A 390 5.63 14.89 -26.96
CA GLU A 390 6.14 16.13 -26.38
C GLU A 390 6.89 17.00 -27.39
N ASN A 391 7.85 16.41 -28.11
CA ASN A 391 8.78 17.18 -28.94
C ASN A 391 8.52 17.00 -30.43
N GLY A 392 7.32 16.54 -30.80
CA GLY A 392 7.00 16.29 -32.19
C GLY A 392 6.25 17.44 -32.83
N VAL A 393 6.31 17.48 -34.15
CA VAL A 393 5.61 18.49 -34.94
C VAL A 393 5.02 17.81 -36.18
N LEU A 394 3.90 18.35 -36.68
CA LEU A 394 3.09 17.69 -37.68
C LEU A 394 3.59 17.94 -39.10
N VAL A 395 3.60 16.88 -39.90
CA VAL A 395 3.90 16.94 -41.32
C VAL A 395 2.75 16.28 -42.07
N ASN A 396 2.67 16.56 -43.37
CA ASN A 396 1.69 15.94 -44.25
C ASN A 396 0.27 16.12 -43.73
N SER A 397 -0.03 17.29 -43.19
CA SER A 397 -1.30 17.50 -42.48
C SER A 397 -2.04 18.75 -42.93
N GLY A 398 -1.80 19.20 -44.17
CA GLY A 398 -2.53 20.35 -44.67
C GLY A 398 -2.25 21.58 -43.83
N ASP A 399 -3.31 22.30 -43.46
CA ASP A 399 -3.14 23.51 -42.66
C ASP A 399 -2.74 23.23 -41.21
N LEU A 400 -2.59 21.96 -40.82
CA LEU A 400 -2.07 21.59 -39.51
C LEU A 400 -0.54 21.51 -39.48
N ASP A 401 0.13 21.61 -40.63
CA ASP A 401 1.58 21.42 -40.67
C ASP A 401 2.29 22.41 -39.76
N GLY A 402 3.27 21.91 -39.02
CA GLY A 402 4.08 22.74 -38.17
C GLY A 402 3.60 22.93 -36.76
N LEU A 403 2.48 22.32 -36.38
CA LEU A 403 1.94 22.46 -35.03
C LEU A 403 2.46 21.37 -34.12
N ASP A 404 2.52 21.68 -32.83
CA ASP A 404 2.85 20.69 -31.82
C ASP A 404 1.60 19.89 -31.44
N PHE A 405 1.76 18.95 -30.50
CA PHE A 405 0.65 18.07 -30.14
C PHE A 405 -0.58 18.85 -29.71
N GLN A 406 -0.41 19.72 -28.70
CA GLN A 406 -1.58 20.37 -28.12
C GLN A 406 -2.24 21.33 -29.09
N THR A 407 -1.45 22.08 -29.84
CA THR A 407 -2.02 22.99 -30.83
C THR A 407 -2.77 22.22 -31.91
N ALA A 408 -2.22 21.09 -32.36
CA ALA A 408 -2.90 20.28 -33.35
C ALA A 408 -4.16 19.65 -32.77
N PHE A 409 -4.08 19.17 -31.52
CA PHE A 409 -5.25 18.65 -30.83
C PHE A 409 -6.40 19.66 -30.85
N ASP A 410 -6.11 20.91 -30.46
CA ASP A 410 -7.15 21.94 -30.40
C ASP A 410 -7.62 22.32 -31.79
N ALA A 411 -6.71 22.36 -32.76
CA ALA A 411 -7.10 22.66 -34.13
C ALA A 411 -8.01 21.57 -34.68
N VAL A 412 -7.62 20.30 -34.51
CA VAL A 412 -8.45 19.21 -35.01
C VAL A 412 -9.81 19.22 -34.31
N ALA A 413 -9.83 19.54 -33.01
CA ALA A 413 -11.09 19.69 -32.30
C ALA A 413 -11.98 20.73 -32.98
N ALA A 414 -11.42 21.90 -33.28
CA ALA A 414 -12.22 22.96 -33.90
C ALA A 414 -12.69 22.55 -35.28
N LYS A 415 -11.83 21.90 -36.08
CA LYS A 415 -12.22 21.46 -37.41
C LYS A 415 -13.36 20.44 -37.36
N LEU A 416 -13.16 19.36 -36.57
CA LEU A 416 -14.16 18.30 -36.49
C LEU A 416 -15.51 18.83 -36.02
N GLN A 417 -15.51 19.66 -34.99
CA GLN A 417 -16.76 20.23 -34.51
C GLN A 417 -17.38 21.14 -35.56
N SER A 418 -16.57 21.81 -36.37
CA SER A 418 -17.10 22.62 -37.45
C SER A 418 -17.83 21.75 -38.47
N GLN A 419 -17.35 20.54 -38.69
CA GLN A 419 -17.96 19.62 -39.63
C GLN A 419 -18.96 18.68 -38.98
N GLY A 420 -19.17 18.80 -37.67
CA GLY A 420 -20.00 17.85 -36.96
C GLY A 420 -19.47 16.44 -36.91
N ALA A 421 -18.19 16.25 -37.24
CA ALA A 421 -17.58 14.93 -37.36
C ALA A 421 -16.79 14.52 -36.10
N GLY A 422 -16.82 15.32 -35.04
CA GLY A 422 -16.11 14.92 -33.83
C GLY A 422 -16.13 16.01 -32.80
N GLU A 423 -15.66 15.65 -31.61
CA GLU A 423 -15.64 16.55 -30.46
C GLU A 423 -14.67 16.00 -29.43
N PRO A 424 -14.12 16.86 -28.58
CA PRO A 424 -13.28 16.38 -27.48
C PRO A 424 -14.09 15.52 -26.52
N LYS A 425 -13.42 14.53 -25.92
CA LYS A 425 -14.07 13.63 -24.98
C LYS A 425 -13.05 13.08 -23.99
N THR A 426 -13.46 13.01 -22.74
CA THR A 426 -12.65 12.40 -21.69
C THR A 426 -13.17 11.00 -21.43
N GLN A 427 -12.25 10.04 -21.33
CA GLN A 427 -12.59 8.68 -20.98
C GLN A 427 -11.77 8.22 -19.79
N TYR A 428 -12.16 7.09 -19.21
CA TYR A 428 -11.48 6.50 -18.07
C TYR A 428 -11.42 5.00 -18.27
N ARG A 429 -10.27 4.41 -17.96
CA ARG A 429 -10.24 2.96 -17.92
C ARG A 429 -11.03 2.40 -16.74
N LEU A 430 -11.20 3.19 -15.67
CA LEU A 430 -11.94 2.74 -14.50
C LEU A 430 -13.34 2.24 -14.89
N ARG A 431 -13.68 1.07 -14.40
CA ARG A 431 -15.01 0.50 -14.54
C ARG A 431 -15.74 0.57 -13.21
N ASP A 432 -17.06 0.45 -13.26
CA ASP A 432 -17.83 0.42 -12.02
C ASP A 432 -17.48 -0.82 -11.21
N TRP A 433 -17.75 -0.74 -9.91
CA TRP A 433 -17.27 -1.72 -8.93
C TRP A 433 -18.37 -2.74 -8.69
N GLY A 434 -18.18 -3.96 -9.22
CA GLY A 434 -19.14 -5.03 -9.05
C GLY A 434 -19.02 -5.68 -7.68
N ILE A 435 -20.12 -5.70 -6.92
CA ILE A 435 -20.19 -6.02 -5.49
C ILE A 435 -20.60 -7.46 -5.26
N SER A 436 -21.38 -8.02 -6.18
CA SER A 436 -22.04 -9.29 -5.95
C SER A 436 -21.05 -10.45 -5.97
N ARG A 437 -21.11 -11.27 -4.94
CA ARG A 437 -20.36 -12.52 -4.87
C ARG A 437 -21.35 -13.65 -4.66
N GLN A 438 -21.20 -14.72 -5.45
CA GLN A 438 -22.05 -15.89 -5.29
C GLN A 438 -21.42 -16.86 -4.28
N ARG A 439 -21.24 -16.33 -3.07
CA ARG A 439 -20.58 -17.02 -1.96
C ARG A 439 -21.37 -16.81 -0.69
N TYR A 440 -21.17 -17.69 0.29
CA TYR A 440 -21.90 -17.65 1.55
C TYR A 440 -21.28 -16.72 2.58
N TRP A 441 -19.98 -16.87 2.87
CA TRP A 441 -19.36 -16.19 4.00
C TRP A 441 -19.03 -14.75 3.62
N GLY A 442 -20.05 -13.91 3.68
CA GLY A 442 -19.93 -12.51 3.32
C GLY A 442 -21.18 -11.76 3.74
N CYS A 443 -21.08 -10.45 3.68
CA CYS A 443 -22.19 -9.61 4.10
C CYS A 443 -23.39 -9.78 3.17
N PRO A 444 -24.56 -10.14 3.70
CA PRO A 444 -25.75 -10.23 2.84
C PRO A 444 -26.10 -8.87 2.23
N ILE A 445 -26.55 -8.91 0.98
CA ILE A 445 -26.98 -7.73 0.23
C ILE A 445 -28.40 -7.40 0.66
N PRO A 446 -28.64 -6.19 1.17
CA PRO A 446 -29.93 -5.86 1.81
C PRO A 446 -31.01 -5.51 0.80
N ILE A 447 -31.27 -6.43 -0.12
CA ILE A 447 -32.25 -6.25 -1.18
C ILE A 447 -33.29 -7.37 -1.07
N VAL A 448 -34.56 -7.00 -1.27
CA VAL A 448 -35.64 -7.96 -1.33
C VAL A 448 -36.24 -7.91 -2.73
N HIS A 449 -36.44 -9.08 -3.33
CA HIS A 449 -36.99 -9.19 -4.67
C HIS A 449 -38.48 -9.52 -4.58
N CYS A 450 -39.30 -8.58 -5.04
CA CYS A 450 -40.75 -8.72 -5.06
C CYS A 450 -41.20 -8.72 -6.51
N GLU A 451 -42.09 -9.65 -6.86
CA GLU A 451 -42.55 -9.73 -8.24
C GLU A 451 -43.41 -8.55 -8.66
N LYS A 452 -43.98 -7.82 -7.70
CA LYS A 452 -44.72 -6.59 -8.00
C LYS A 452 -43.90 -5.33 -7.81
N CYS A 453 -43.06 -5.26 -6.77
CA CYS A 453 -42.36 -4.02 -6.47
C CYS A 453 -40.94 -3.96 -7.07
N GLY A 454 -40.39 -5.07 -7.54
CA GLY A 454 -39.03 -5.08 -8.06
C GLY A 454 -37.97 -5.33 -7.00
N ASN A 455 -36.77 -4.77 -7.19
CA ASN A 455 -35.67 -4.92 -6.22
C ASN A 455 -35.81 -3.82 -5.18
N VAL A 456 -36.14 -4.21 -3.96
CA VAL A 456 -36.55 -3.28 -2.90
C VAL A 456 -35.48 -3.28 -1.82
N PRO A 457 -35.00 -2.12 -1.37
CA PRO A 457 -34.02 -2.10 -0.27
C PRO A 457 -34.69 -2.42 1.06
N VAL A 458 -33.96 -3.12 1.92
CA VAL A 458 -34.46 -3.40 3.27
C VAL A 458 -34.49 -2.11 4.08
N PRO A 459 -35.59 -1.79 4.75
CA PRO A 459 -35.64 -0.56 5.54
C PRO A 459 -34.62 -0.54 6.66
N ALA A 460 -34.16 0.67 6.99
CA ALA A 460 -33.08 0.81 7.97
C ALA A 460 -33.45 0.23 9.33
N ASP A 461 -34.72 0.30 9.71
CA ASP A 461 -35.20 -0.27 11.00
C ASP A 461 -35.03 -1.78 11.00
N GLN A 462 -35.04 -2.39 9.82
CA GLN A 462 -34.97 -3.87 9.71
C GLN A 462 -33.55 -4.33 9.45
N LEU A 463 -32.60 -3.40 9.47
CA LEU A 463 -31.18 -3.78 9.29
C LEU A 463 -30.53 -4.18 10.64
N PRO A 464 -29.67 -5.24 10.79
CA PRO A 464 -29.10 -5.97 9.65
C PRO A 464 -29.95 -7.11 9.11
N VAL A 465 -29.77 -7.39 7.81
CA VAL A 465 -30.11 -8.71 7.29
C VAL A 465 -29.02 -9.65 7.80
N VAL A 466 -29.38 -10.57 8.68
CA VAL A 466 -28.39 -11.33 9.44
C VAL A 466 -27.99 -12.55 8.65
N LEU A 467 -26.69 -12.72 8.44
CA LEU A 467 -26.19 -13.94 7.82
C LEU A 467 -26.29 -15.09 8.82
N PRO A 468 -26.96 -16.19 8.49
CA PRO A 468 -27.01 -17.32 9.43
C PRO A 468 -25.64 -17.98 9.54
N GLU A 469 -25.22 -18.24 10.78
CA GLU A 469 -23.89 -18.76 11.05
C GLU A 469 -23.85 -20.27 11.15
N ASN A 470 -24.99 -20.93 11.26
CA ASN A 470 -25.05 -22.38 11.41
C ASN A 470 -25.12 -23.04 10.03
N VAL A 471 -24.04 -22.86 9.26
CA VAL A 471 -24.00 -23.24 7.85
C VAL A 471 -22.61 -23.78 7.54
N VAL A 472 -22.56 -24.92 6.86
CA VAL A 472 -21.32 -25.51 6.39
C VAL A 472 -21.37 -25.61 4.88
N PRO A 473 -20.71 -24.69 4.17
CA PRO A 473 -20.74 -24.75 2.71
C PRO A 473 -19.98 -25.96 2.19
N ASP A 474 -20.38 -26.40 0.99
CA ASP A 474 -19.81 -27.58 0.37
C ASP A 474 -19.14 -27.32 -0.98
N GLY A 475 -19.41 -26.18 -1.61
CA GLY A 475 -18.88 -25.88 -2.93
C GLY A 475 -19.88 -26.02 -4.06
N MET A 476 -20.96 -26.77 -3.85
CA MET A 476 -21.98 -26.96 -4.88
C MET A 476 -23.01 -25.84 -4.83
N GLY A 477 -22.51 -24.61 -4.97
CA GLY A 477 -23.35 -23.42 -4.94
C GLY A 477 -23.49 -22.85 -3.55
N SER A 478 -23.89 -21.57 -3.51
CA SER A 478 -24.02 -20.88 -2.22
C SER A 478 -25.17 -21.49 -1.42
N PRO A 479 -24.95 -21.81 -0.14
CA PRO A 479 -26.03 -22.40 0.67
C PRO A 479 -27.20 -21.47 0.94
N LEU A 480 -26.99 -20.15 0.88
CA LEU A 480 -28.09 -19.21 1.10
C LEU A 480 -29.21 -19.43 0.10
N ALA A 481 -28.85 -19.70 -1.16
CA ALA A 481 -29.84 -19.97 -2.20
C ALA A 481 -30.55 -21.30 -2.00
N LYS A 482 -30.10 -22.14 -1.06
CA LYS A 482 -30.77 -23.39 -0.74
C LYS A 482 -31.43 -23.35 0.63
N MET A 483 -31.53 -22.18 1.25
CA MET A 483 -32.10 -22.04 2.60
C MET A 483 -33.35 -21.18 2.52
N PRO A 484 -34.53 -21.80 2.33
CA PRO A 484 -35.76 -20.99 2.27
C PRO A 484 -36.01 -20.22 3.54
N GLU A 485 -35.59 -20.76 4.70
CA GLU A 485 -35.76 -20.03 5.95
C GLU A 485 -34.98 -18.73 5.95
N PHE A 486 -33.97 -18.62 5.09
CA PHE A 486 -33.30 -17.34 4.91
C PHE A 486 -33.97 -16.49 3.83
N TYR A 487 -34.15 -17.04 2.62
CA TYR A 487 -34.49 -16.17 1.50
C TYR A 487 -36.00 -15.91 1.37
N GLU A 488 -36.85 -16.72 1.98
CA GLU A 488 -38.28 -16.45 1.97
C GLU A 488 -38.60 -15.37 3.00
N THR A 489 -39.22 -14.28 2.55
CA THR A 489 -39.51 -13.14 3.42
C THR A 489 -40.77 -12.46 2.86
N SER A 490 -41.12 -11.31 3.43
CA SER A 490 -42.21 -10.51 2.92
C SER A 490 -41.65 -9.23 2.31
N CYS A 491 -42.38 -8.65 1.37
CA CYS A 491 -41.89 -7.45 0.71
C CYS A 491 -42.04 -6.25 1.64
N PRO A 492 -40.97 -5.49 1.87
CA PRO A 492 -41.09 -4.34 2.79
C PRO A 492 -41.93 -3.19 2.25
N CYS A 493 -42.27 -3.19 0.96
CA CYS A 493 -43.10 -2.15 0.36
C CYS A 493 -44.57 -2.52 0.27
N CYS A 494 -44.90 -3.76 -0.11
CA CYS A 494 -46.29 -4.19 -0.24
C CYS A 494 -46.72 -5.27 0.74
N GLY A 495 -45.79 -5.93 1.43
CA GLY A 495 -46.13 -6.98 2.37
C GLY A 495 -46.32 -8.36 1.77
N GLY A 496 -46.28 -8.50 0.44
CA GLY A 496 -46.49 -9.81 -0.17
C GLY A 496 -45.27 -10.70 -0.06
N ALA A 497 -45.45 -11.95 -0.47
CA ALA A 497 -44.34 -12.90 -0.48
C ALA A 497 -43.23 -12.40 -1.39
N ALA A 498 -41.98 -12.55 -0.93
CA ALA A 498 -40.83 -12.06 -1.67
C ALA A 498 -39.59 -12.87 -1.28
N LYS A 499 -38.48 -12.61 -1.97
CA LYS A 499 -37.26 -13.39 -1.79
C LYS A 499 -36.08 -12.48 -1.54
N ARG A 500 -35.31 -12.77 -0.48
CA ARG A 500 -34.08 -12.04 -0.22
C ARG A 500 -33.06 -12.30 -1.31
N GLU A 501 -32.29 -11.28 -1.65
CA GLU A 501 -31.05 -11.49 -2.39
C GLU A 501 -30.18 -12.48 -1.63
N THR A 502 -29.62 -13.46 -2.35
CA THR A 502 -28.77 -14.47 -1.73
C THR A 502 -27.28 -14.27 -2.02
N ASP A 503 -26.92 -13.44 -2.99
CA ASP A 503 -25.53 -13.05 -3.14
C ASP A 503 -25.08 -12.20 -1.94
N THR A 504 -23.78 -12.25 -1.64
CA THR A 504 -23.17 -11.44 -0.60
C THR A 504 -22.21 -10.43 -1.23
N MET A 505 -21.66 -9.56 -0.38
CA MET A 505 -20.86 -8.44 -0.86
C MET A 505 -19.40 -8.81 -0.98
N ASP A 506 -18.76 -8.27 -2.01
CA ASP A 506 -17.30 -8.20 -2.08
C ASP A 506 -16.73 -7.79 -0.73
N THR A 507 -15.83 -8.62 -0.18
CA THR A 507 -15.37 -8.35 1.18
C THR A 507 -14.43 -7.15 1.25
N PHE A 508 -13.96 -6.63 0.12
CA PHE A 508 -13.34 -5.30 0.12
C PHE A 508 -14.24 -4.27 0.76
N ILE A 509 -15.56 -4.50 0.81
CA ILE A 509 -16.46 -3.51 1.36
C ILE A 509 -16.18 -3.31 2.85
N GLU A 510 -15.98 -4.39 3.60
CA GLU A 510 -15.69 -4.23 5.02
C GLU A 510 -14.45 -3.38 5.23
N SER A 511 -13.38 -3.65 4.47
CA SER A 511 -12.14 -2.91 4.65
C SER A 511 -12.17 -1.50 4.05
N SER A 512 -13.27 -1.07 3.44
CA SER A 512 -13.32 0.27 2.88
C SER A 512 -13.76 1.31 3.91
N TRP A 513 -14.17 0.92 5.11
CA TRP A 513 -14.61 1.90 6.10
C TRP A 513 -14.27 1.51 7.55
N TYR A 514 -13.58 0.38 7.79
CA TYR A 514 -13.32 -0.04 9.16
C TYR A 514 -12.56 1.01 9.95
N PHE A 515 -11.72 1.81 9.28
CA PHE A 515 -10.96 2.85 9.96
C PHE A 515 -11.85 3.93 10.57
N PHE A 516 -13.07 4.12 10.05
CA PHE A 516 -14.02 5.01 10.71
C PHE A 516 -14.74 4.29 11.85
N ARG A 517 -15.07 3.01 11.66
CA ARG A 517 -15.78 2.27 12.69
C ARG A 517 -14.98 2.24 13.99
N TYR A 518 -13.66 2.15 13.89
CA TYR A 518 -12.80 2.16 15.08
C TYR A 518 -13.01 3.41 15.93
N MET A 519 -13.41 4.52 15.32
CA MET A 519 -13.59 5.75 16.08
C MET A 519 -14.74 5.66 17.06
N SER A 520 -15.72 4.79 16.79
CA SER A 520 -16.85 4.57 17.69
C SER A 520 -17.43 3.18 17.46
N PRO A 521 -16.68 2.13 17.81
CA PRO A 521 -17.06 0.78 17.39
C PRO A 521 -18.29 0.22 18.08
N LYS A 522 -18.84 0.91 19.07
CA LYS A 522 -20.07 0.48 19.74
C LYS A 522 -21.24 1.40 19.43
N PHE A 523 -21.09 2.34 18.50
CA PHE A 523 -22.15 3.26 18.16
C PHE A 523 -23.26 2.52 17.40
N SER A 524 -24.49 2.63 17.90
CA SER A 524 -25.62 1.89 17.36
C SER A 524 -26.57 2.74 16.52
N ASP A 525 -26.27 4.02 16.31
CA ASP A 525 -27.13 4.89 15.52
C ASP A 525 -26.51 5.31 14.20
N GLY A 526 -25.38 4.71 13.81
CA GLY A 526 -24.80 5.07 12.53
C GLY A 526 -23.48 4.36 12.33
N MET A 527 -22.91 4.61 11.14
CA MET A 527 -21.60 4.03 10.82
C MET A 527 -20.53 4.52 11.78
N VAL A 528 -20.56 5.81 12.11
CA VAL A 528 -19.59 6.40 13.01
C VAL A 528 -20.25 7.63 13.64
N SER A 529 -20.07 7.79 14.95
CA SER A 529 -20.69 8.92 15.62
C SER A 529 -20.08 10.23 15.15
N ALA A 530 -20.92 11.27 15.12
CA ALA A 530 -20.45 12.59 14.70
C ALA A 530 -19.28 13.07 15.56
N GLU A 531 -19.40 12.91 16.88
CA GLU A 531 -18.39 13.48 17.76
C GLU A 531 -17.06 12.76 17.62
N SER A 532 -17.09 11.44 17.51
CA SER A 532 -15.83 10.70 17.38
C SER A 532 -15.18 10.98 16.03
N ALA A 533 -15.98 11.05 14.96
CA ALA A 533 -15.44 11.42 13.65
C ALA A 533 -14.81 12.79 13.69
N LYS A 534 -15.45 13.73 14.38
CA LYS A 534 -14.90 15.08 14.45
C LYS A 534 -13.60 15.09 15.25
N TYR A 535 -13.52 14.29 16.31
CA TYR A 535 -12.29 14.27 17.11
C TYR A 535 -11.14 13.62 16.36
N TRP A 536 -11.35 12.42 15.82
CA TRP A 536 -10.25 11.67 15.22
C TRP A 536 -9.91 12.12 13.80
N GLY A 537 -10.84 12.78 13.11
CA GLY A 537 -10.53 13.32 11.79
C GLY A 537 -10.23 12.19 10.82
N ALA A 538 -9.02 12.19 10.30
CA ALA A 538 -8.52 11.17 9.40
C ALA A 538 -7.42 10.37 10.09
N VAL A 539 -7.08 9.24 9.48
CA VAL A 539 -5.97 8.41 9.96
C VAL A 539 -4.66 9.15 9.72
N ASP A 540 -3.89 9.36 10.78
CA ASP A 540 -2.61 10.07 10.64
C ASP A 540 -1.56 9.21 9.94
N GLN A 541 -1.57 7.91 10.18
CA GLN A 541 -0.54 7.02 9.68
C GLN A 541 -1.18 5.68 9.37
N TYR A 542 -1.01 5.22 8.13
CA TYR A 542 -1.47 3.91 7.69
C TYR A 542 -0.24 3.10 7.29
N ILE A 543 -0.22 1.83 7.66
CA ILE A 543 0.93 0.95 7.42
C ILE A 543 0.40 -0.38 6.87
N GLY A 544 0.79 -0.73 5.65
CA GLY A 544 0.34 -1.99 5.08
C GLY A 544 1.08 -2.30 3.79
N GLY A 545 0.92 -3.54 3.34
CA GLY A 545 1.67 -4.02 2.20
C GLY A 545 1.19 -3.42 0.88
N ILE A 546 2.12 -3.37 -0.08
CA ILE A 546 1.90 -2.80 -1.39
C ILE A 546 0.84 -3.57 -2.18
N GLU A 547 0.56 -4.81 -1.82
CA GLU A 547 -0.46 -5.55 -2.55
C GLU A 547 -1.85 -4.92 -2.41
N HIS A 548 -2.06 -4.02 -1.47
CA HIS A 548 -3.35 -3.35 -1.33
C HIS A 548 -3.27 -1.88 -1.74
N ALA A 549 -2.24 -1.51 -2.49
CA ALA A 549 -2.05 -0.12 -2.86
C ALA A 549 -3.07 0.37 -3.87
N ILE A 550 -3.67 -0.52 -4.66
CA ILE A 550 -4.60 -0.06 -5.70
C ILE A 550 -6.04 -0.22 -5.23
N LEU A 551 -6.56 -1.46 -5.24
CA LEU A 551 -7.98 -1.68 -5.00
C LEU A 551 -8.40 -1.24 -3.61
N HIS A 552 -7.83 -1.86 -2.56
CA HIS A 552 -8.18 -1.48 -1.20
C HIS A 552 -8.11 0.03 -0.99
N LEU A 553 -6.99 0.65 -1.39
CA LEU A 553 -6.85 2.07 -1.08
C LEU A 553 -7.84 2.90 -1.90
N LEU A 554 -8.03 2.56 -3.17
CA LEU A 554 -9.03 3.27 -3.98
C LEU A 554 -10.42 3.13 -3.39
N TYR A 555 -10.81 1.92 -2.98
CA TYR A 555 -12.13 1.71 -2.40
C TYR A 555 -12.29 2.48 -1.09
N ALA A 556 -11.25 2.49 -0.25
CA ALA A 556 -11.31 3.23 1.01
C ALA A 556 -11.45 4.73 0.77
N ARG A 557 -10.69 5.27 -0.17
CA ARG A 557 -10.85 6.68 -0.52
C ARG A 557 -12.25 6.95 -1.07
N PHE A 558 -12.77 6.01 -1.87
CA PHE A 558 -14.12 6.15 -2.42
C PHE A 558 -15.18 6.16 -1.33
N PHE A 559 -15.14 5.18 -0.43
CA PHE A 559 -16.09 5.15 0.68
C PHE A 559 -15.98 6.42 1.53
N THR A 560 -14.77 6.91 1.76
CA THR A 560 -14.60 8.13 2.53
C THR A 560 -15.38 9.28 1.90
N LYS A 561 -15.27 9.43 0.59
CA LYS A 561 -15.99 10.50 -0.08
C LYS A 561 -17.50 10.28 -0.03
N LEU A 562 -17.94 9.02 -0.18
CA LEU A 562 -19.38 8.71 -0.08
C LEU A 562 -19.91 9.05 1.30
N MET A 563 -19.17 8.66 2.35
CA MET A 563 -19.61 8.94 3.71
C MET A 563 -19.60 10.43 4.00
N ARG A 564 -18.60 11.15 3.47
CA ARG A 564 -18.57 12.60 3.57
C ARG A 564 -19.82 13.20 2.94
N ASP A 565 -20.12 12.81 1.70
CA ASP A 565 -21.29 13.31 1.00
C ASP A 565 -22.59 12.92 1.70
N GLU A 566 -22.57 11.86 2.52
CA GLU A 566 -23.71 11.55 3.38
C GLU A 566 -23.71 12.37 4.66
N GLY A 567 -22.71 13.21 4.89
CA GLY A 567 -22.65 13.97 6.12
C GLY A 567 -22.22 13.19 7.33
N LEU A 568 -21.57 12.05 7.14
CA LEU A 568 -21.10 11.24 8.26
C LEU A 568 -19.72 11.64 8.75
N VAL A 569 -18.87 12.14 7.86
CA VAL A 569 -17.51 12.57 8.18
C VAL A 569 -17.25 13.85 7.40
N ASN A 570 -16.22 14.58 7.81
CA ASN A 570 -15.90 15.84 7.13
C ASN A 570 -14.43 15.90 6.70
N VAL A 571 -13.85 14.75 6.34
CA VAL A 571 -12.58 14.71 5.65
C VAL A 571 -12.82 14.27 4.21
N ASP A 572 -11.89 14.62 3.33
CA ASP A 572 -11.93 14.17 1.94
C ASP A 572 -11.15 12.89 1.72
N GLU A 573 -10.11 12.64 2.54
CA GLU A 573 -9.20 11.52 2.37
C GLU A 573 -9.03 10.78 3.69
N PRO A 574 -8.96 9.47 3.65
CA PRO A 574 -8.88 8.72 4.92
C PRO A 574 -7.49 8.63 5.54
N PHE A 575 -6.42 8.58 4.75
CA PHE A 575 -5.09 8.31 5.26
C PHE A 575 -4.13 9.43 4.87
N GLU A 576 -3.54 10.09 5.87
CA GLU A 576 -2.65 11.20 5.57
C GLU A 576 -1.26 10.72 5.16
N ARG A 577 -0.66 9.85 5.97
CA ARG A 577 0.64 9.27 5.66
C ARG A 577 0.47 7.78 5.43
N LEU A 578 1.25 7.25 4.50
CA LEU A 578 1.16 5.85 4.12
C LEU A 578 2.56 5.24 4.13
N LEU A 579 2.71 4.12 4.83
CA LEU A 579 3.97 3.41 4.91
C LEU A 579 3.76 2.01 4.38
N THR A 580 4.55 1.64 3.37
CA THR A 580 4.46 0.32 2.73
C THR A 580 5.64 -0.52 3.22
N GLN A 581 5.38 -1.39 4.20
CA GLN A 581 6.48 -2.15 4.76
C GLN A 581 6.97 -3.21 3.77
N GLY A 582 8.27 -3.48 3.81
CA GLY A 582 8.83 -4.53 3.00
C GLY A 582 8.36 -5.90 3.44
N MET A 583 8.46 -6.86 2.53
CA MET A 583 8.04 -8.21 2.85
C MET A 583 9.10 -8.92 3.68
N VAL A 584 8.67 -9.66 4.69
CA VAL A 584 9.55 -10.62 5.35
C VAL A 584 9.60 -11.88 4.49
N VAL A 585 10.81 -12.34 4.18
CA VAL A 585 10.97 -13.52 3.34
C VAL A 585 11.69 -14.60 4.14
N CYS A 586 11.49 -15.84 3.74
CA CYS A 586 12.07 -16.96 4.48
C CYS A 586 12.30 -18.13 3.54
N GLU A 587 13.37 -18.87 3.79
CA GLU A 587 13.64 -20.10 3.06
C GLU A 587 12.46 -21.06 3.19
N THR A 588 12.27 -21.90 2.17
CA THR A 588 11.19 -22.86 2.15
C THR A 588 11.74 -24.28 2.08
N TYR A 589 10.87 -25.24 2.41
CA TYR A 589 11.24 -26.66 2.45
C TYR A 589 10.01 -27.49 2.07
N TYR A 590 10.23 -28.58 1.34
CA TYR A 590 9.13 -29.40 0.87
C TYR A 590 9.56 -30.85 0.73
N ARG A 591 8.57 -31.72 0.54
CA ARG A 591 8.76 -33.13 0.27
C ARG A 591 7.82 -33.54 -0.85
N GLU A 592 8.30 -34.41 -1.74
CA GLU A 592 7.49 -34.85 -2.87
C GLU A 592 6.35 -35.73 -2.39
N ASN A 593 5.12 -35.36 -2.78
CA ASN A 593 3.94 -36.10 -2.35
C ASN A 593 3.73 -37.31 -3.24
N ASP A 594 3.44 -38.46 -2.62
CA ASP A 594 3.08 -39.66 -3.36
C ASP A 594 1.81 -39.46 -4.19
N LYS A 595 1.05 -38.39 -3.93
CA LYS A 595 -0.11 -38.02 -4.72
C LYS A 595 0.25 -37.10 -5.88
N GLY A 596 1.50 -37.09 -6.32
CA GLY A 596 1.91 -36.27 -7.44
C GLY A 596 2.70 -35.03 -7.04
N GLY A 597 2.05 -34.09 -6.38
CA GLY A 597 2.68 -32.82 -6.03
C GLY A 597 3.69 -32.90 -4.91
N LYS A 598 3.75 -31.85 -4.10
CA LYS A 598 4.70 -31.78 -2.99
C LYS A 598 4.03 -31.12 -1.79
N ASP A 599 4.49 -31.51 -0.60
CA ASP A 599 3.97 -31.00 0.66
C ASP A 599 4.99 -30.06 1.28
N TRP A 600 4.56 -28.85 1.61
CA TRP A 600 5.45 -27.81 2.11
C TRP A 600 5.56 -27.90 3.63
N ILE A 601 6.80 -27.93 4.13
CA ILE A 601 7.08 -28.11 5.55
C ILE A 601 7.51 -26.78 6.15
N ASN A 602 7.14 -26.58 7.41
CA ASN A 602 7.46 -25.34 8.12
C ASN A 602 8.93 -25.36 8.55
N PRO A 603 9.60 -24.20 8.54
CA PRO A 603 11.01 -24.17 8.98
C PRO A 603 11.19 -24.55 10.44
N ALA A 604 10.20 -24.33 11.31
CA ALA A 604 10.34 -24.66 12.71
C ALA A 604 10.22 -26.16 12.98
N ASP A 605 9.82 -26.95 11.99
CA ASP A 605 9.72 -28.40 12.13
C ASP A 605 10.80 -29.13 11.37
N VAL A 606 11.87 -28.43 10.98
CA VAL A 606 12.98 -29.04 10.25
C VAL A 606 14.29 -28.70 10.95
N GLU A 607 15.29 -29.53 10.71
CA GLU A 607 16.63 -29.34 11.26
C GLU A 607 17.65 -29.37 10.12
N LEU A 608 18.50 -28.35 10.06
CA LEU A 608 19.50 -28.20 9.00
C LEU A 608 20.89 -28.15 9.62
N THR A 609 21.71 -29.14 9.28
CA THR A 609 23.10 -29.19 9.70
C THR A 609 23.98 -28.99 8.47
N PHE A 610 24.78 -27.92 8.48
CA PHE A 610 25.63 -27.54 7.37
C PHE A 610 27.10 -27.80 7.70
N ASP A 611 27.92 -27.77 6.66
CA ASP A 611 29.33 -28.07 6.80
C ASP A 611 30.06 -26.91 7.46
N ASP A 612 31.36 -27.11 7.68
CA ASP A 612 32.19 -26.05 8.25
C ASP A 612 32.28 -24.85 7.31
N LYS A 613 32.17 -25.08 6.00
CA LYS A 613 32.08 -24.03 5.01
C LYS A 613 30.64 -23.59 4.76
N GLY A 614 29.71 -24.01 5.62
CA GLY A 614 28.31 -23.71 5.43
C GLY A 614 27.60 -24.54 4.39
N ARG A 615 28.32 -25.45 3.72
CA ARG A 615 27.76 -26.34 2.71
C ARG A 615 26.57 -27.10 3.28
N PRO A 616 25.36 -26.87 2.76
CA PRO A 616 24.21 -27.65 3.25
C PRO A 616 24.38 -29.13 2.99
N VAL A 617 24.54 -29.89 4.07
CA VAL A 617 24.72 -31.34 3.96
C VAL A 617 23.62 -32.13 4.65
N SER A 618 22.80 -31.52 5.51
CA SER A 618 21.71 -32.23 6.17
C SER A 618 20.50 -31.32 6.28
N ALA A 619 19.32 -31.92 6.08
CA ALA A 619 18.07 -31.17 6.21
C ALA A 619 16.98 -32.23 6.46
N VAL A 620 16.74 -32.53 7.73
CA VAL A 620 15.86 -33.61 8.14
C VAL A 620 14.63 -33.03 8.84
N LEU A 621 13.51 -33.70 8.65
CA LEU A 621 12.28 -33.35 9.35
C LEU A 621 12.37 -33.79 10.80
N LYS A 622 11.91 -32.93 11.71
CA LYS A 622 11.99 -33.22 13.13
C LYS A 622 10.99 -34.28 13.58
N ALA A 623 10.17 -34.82 12.67
CA ALA A 623 9.17 -35.82 13.00
C ALA A 623 9.57 -37.24 12.63
N ASP A 624 10.47 -37.43 11.66
CA ASP A 624 10.93 -38.76 11.32
C ASP A 624 12.45 -38.84 11.28
N GLY A 625 13.09 -37.71 10.97
CA GLY A 625 14.53 -37.69 10.80
C GLY A 625 15.00 -37.99 9.40
N LEU A 626 14.09 -38.28 8.47
CA LEU A 626 14.41 -38.42 7.06
C LEU A 626 14.61 -37.05 6.42
N PRO A 627 15.39 -36.97 5.35
CA PRO A 627 15.73 -35.66 4.77
C PRO A 627 14.50 -34.97 4.16
N VAL A 628 14.69 -33.69 3.85
CA VAL A 628 13.69 -32.88 3.17
C VAL A 628 14.39 -31.97 2.18
N VAL A 629 13.64 -31.48 1.21
CA VAL A 629 14.17 -30.70 0.09
C VAL A 629 14.23 -29.23 0.49
N ILE A 630 15.43 -28.66 0.51
CA ILE A 630 15.60 -27.23 0.74
C ILE A 630 15.36 -26.50 -0.58
N SER A 631 14.46 -25.53 -0.56
CA SER A 631 14.05 -24.82 -1.77
C SER A 631 14.35 -23.33 -1.66
N GLY A 632 13.70 -22.51 -2.50
CA GLY A 632 14.06 -21.10 -2.58
C GLY A 632 13.50 -20.27 -1.46
N THR A 633 14.09 -19.07 -1.30
CA THR A 633 13.65 -18.12 -0.28
C THR A 633 12.56 -17.23 -0.86
N GLU A 634 11.37 -17.28 -0.25
CA GLU A 634 10.19 -16.60 -0.76
C GLU A 634 9.51 -15.81 0.34
N LYS A 635 8.57 -14.98 -0.08
CA LYS A 635 7.72 -14.24 0.83
C LYS A 635 7.09 -15.17 1.86
N MET A 636 7.13 -14.74 3.12
CA MET A 636 6.57 -15.56 4.20
C MET A 636 5.05 -15.61 4.07
N SER A 637 4.50 -16.81 3.89
CA SER A 637 3.06 -16.96 3.73
C SER A 637 2.64 -18.39 3.98
N LYS A 638 1.34 -18.56 4.22
CA LYS A 638 0.76 -19.90 4.36
C LYS A 638 0.92 -20.73 3.09
N SER A 639 1.07 -20.06 1.94
CA SER A 639 1.11 -20.74 0.65
C SER A 639 2.16 -21.85 0.62
N LYS A 640 3.41 -21.51 0.88
CA LYS A 640 4.48 -22.50 0.94
C LYS A 640 4.84 -22.88 2.37
N ASN A 641 3.97 -22.54 3.33
CA ASN A 641 4.12 -22.93 4.74
C ASN A 641 5.49 -22.57 5.30
N ASN A 642 5.97 -21.38 4.96
CA ASN A 642 7.23 -20.88 5.50
C ASN A 642 7.00 -19.77 6.51
N GLY A 643 5.82 -19.73 7.12
CA GLY A 643 5.51 -18.74 8.14
C GLY A 643 6.11 -19.10 9.49
N VAL A 644 6.94 -18.22 10.02
CA VAL A 644 7.51 -18.40 11.34
C VAL A 644 6.50 -17.87 12.35
N ASP A 645 6.04 -18.74 13.24
CA ASP A 645 5.06 -18.35 14.25
C ASP A 645 5.76 -17.50 15.31
N PRO A 646 5.32 -16.27 15.54
CA PRO A 646 5.94 -15.46 16.61
C PRO A 646 5.90 -16.12 17.97
N GLN A 647 4.84 -16.87 18.29
CA GLN A 647 4.78 -17.53 19.60
C GLN A 647 5.94 -18.49 19.78
N GLU A 648 6.33 -19.19 18.71
CA GLU A 648 7.52 -20.04 18.78
C GLU A 648 8.74 -19.19 19.11
N LEU A 649 8.89 -18.06 18.43
CA LEU A 649 10.02 -17.18 18.69
C LEU A 649 9.94 -16.59 20.09
N ILE A 650 8.74 -16.21 20.53
CA ILE A 650 8.57 -15.60 21.85
C ILE A 650 8.91 -16.62 22.94
N ASN A 651 8.48 -17.88 22.79
CA ASN A 651 8.82 -18.90 23.79
C ASN A 651 10.32 -19.11 23.88
N ALA A 652 11.03 -19.01 22.76
CA ALA A 652 12.46 -19.24 22.76
C ALA A 652 13.25 -18.01 23.20
N TYR A 653 12.82 -16.80 22.82
CA TYR A 653 13.62 -15.60 23.05
C TYR A 653 12.88 -14.40 23.61
N GLY A 654 11.55 -14.37 23.55
CA GLY A 654 10.82 -13.24 24.08
C GLY A 654 10.33 -12.31 22.97
N ALA A 655 9.30 -11.53 23.31
CA ALA A 655 8.73 -10.60 22.33
C ALA A 655 9.73 -9.52 21.95
N ASP A 656 10.46 -8.98 22.93
CA ASP A 656 11.38 -7.89 22.63
C ASP A 656 12.44 -8.31 21.61
N THR A 657 12.97 -9.54 21.75
CA THR A 657 13.91 -10.03 20.75
C THR A 657 13.26 -10.11 19.36
N ALA A 658 12.00 -10.56 19.29
CA ALA A 658 11.32 -10.63 18.01
C ALA A 658 11.14 -9.23 17.42
N ARG A 659 10.66 -8.29 18.24
CA ARG A 659 10.43 -6.93 17.75
C ARG A 659 11.73 -6.26 17.33
N LEU A 660 12.80 -6.45 18.13
CA LEU A 660 14.07 -5.81 17.83
C LEU A 660 14.66 -6.33 16.53
N PHE A 661 14.63 -7.65 16.33
CA PHE A 661 15.15 -8.20 15.08
C PHE A 661 14.41 -7.63 13.88
N MET A 662 13.08 -7.54 13.95
CA MET A 662 12.31 -6.99 12.83
C MET A 662 12.73 -5.56 12.55
N MET A 663 12.81 -4.74 13.59
CA MET A 663 13.06 -3.32 13.40
C MET A 663 14.51 -3.02 13.04
N PHE A 664 15.44 -3.91 13.37
CA PHE A 664 16.86 -3.64 13.16
C PHE A 664 17.40 -4.20 11.84
N ALA A 665 16.82 -5.31 11.36
CA ALA A 665 17.45 -6.06 10.28
C ALA A 665 17.48 -5.30 8.95
N ALA A 666 16.55 -4.39 8.73
CA ALA A 666 16.47 -3.68 7.45
C ALA A 666 15.62 -2.44 7.62
N PRO A 667 15.84 -1.42 6.79
CA PRO A 667 14.87 -0.33 6.68
C PRO A 667 13.47 -0.89 6.47
N PRO A 668 12.44 -0.24 7.04
CA PRO A 668 11.12 -0.88 7.06
C PRO A 668 10.54 -1.16 5.68
N GLU A 669 10.88 -0.36 4.65
CA GLU A 669 10.37 -0.60 3.30
C GLU A 669 11.12 -1.70 2.57
N GLN A 670 12.33 -2.03 3.03
CA GLN A 670 13.15 -3.03 2.37
C GLN A 670 12.73 -4.42 2.83
N SER A 671 12.88 -5.39 1.95
CA SER A 671 12.57 -6.78 2.29
C SER A 671 13.52 -7.28 3.38
N LEU A 672 13.03 -8.22 4.17
CA LEU A 672 13.71 -8.67 5.38
C LEU A 672 13.82 -10.19 5.33
N GLU A 673 15.04 -10.70 5.26
CA GLU A 673 15.25 -12.13 5.21
C GLU A 673 15.29 -12.71 6.62
N TRP A 674 14.50 -13.74 6.86
CA TRP A 674 14.52 -14.40 8.16
C TRP A 674 15.90 -14.98 8.43
N SER A 675 16.40 -14.76 9.64
CA SER A 675 17.75 -15.18 10.00
C SER A 675 17.77 -15.63 11.46
N ASP A 676 18.22 -16.87 11.69
CA ASP A 676 18.44 -17.31 13.06
C ASP A 676 19.52 -16.47 13.72
N SER A 677 20.53 -16.07 12.95
CA SER A 677 21.62 -15.27 13.53
C SER A 677 21.14 -13.86 13.85
N GLY A 678 20.24 -13.31 13.03
CA GLY A 678 19.68 -12.01 13.34
C GLY A 678 18.86 -12.03 14.63
N VAL A 679 18.11 -13.11 14.85
CA VAL A 679 17.41 -13.26 16.12
C VAL A 679 18.40 -13.32 17.27
N GLU A 680 19.45 -14.14 17.12
CA GLU A 680 20.45 -14.26 18.18
C GLU A 680 21.18 -12.93 18.40
N GLY A 681 21.47 -12.20 17.32
CA GLY A 681 22.09 -10.90 17.47
C GLY A 681 21.25 -9.93 18.28
N ALA A 682 19.92 -9.95 18.07
CA ALA A 682 19.04 -9.06 18.81
C ALA A 682 18.98 -9.44 20.27
N HIS A 683 18.89 -10.74 20.56
CA HIS A 683 18.83 -11.18 21.95
C HIS A 683 20.08 -10.75 22.72
N ARG A 684 21.25 -10.88 22.08
CA ARG A 684 22.48 -10.50 22.74
C ARG A 684 22.51 -9.01 23.08
N PHE A 685 21.94 -8.18 22.20
CA PHE A 685 21.87 -6.76 22.53
C PHE A 685 20.99 -6.51 23.75
N LEU A 686 19.88 -7.25 23.87
CA LEU A 686 19.01 -7.03 25.01
C LEU A 686 19.69 -7.46 26.31
N ARG A 687 20.49 -8.53 26.27
CA ARG A 687 21.31 -8.89 27.42
C ARG A 687 22.34 -7.81 27.71
N ARG A 688 23.00 -7.29 26.66
CA ARG A 688 23.94 -6.18 26.85
C ARG A 688 23.27 -5.00 27.53
N LEU A 689 22.11 -4.59 27.03
CA LEU A 689 21.37 -3.48 27.64
C LEU A 689 21.03 -3.77 29.09
N TRP A 690 20.50 -4.97 29.36
CA TRP A 690 20.22 -5.36 30.73
C TRP A 690 21.46 -5.32 31.60
N ARG A 691 22.57 -5.89 31.11
CA ARG A 691 23.80 -5.91 31.87
C ARG A 691 24.28 -4.50 32.18
N THR A 692 24.16 -3.59 31.20
CA THR A 692 24.63 -2.22 31.37
C THR A 692 23.96 -1.54 32.56
N VAL A 693 22.62 -1.65 32.63
CA VAL A 693 21.90 -1.00 33.72
C VAL A 693 22.20 -1.70 35.05
N TYR A 694 22.26 -3.03 35.05
CA TYR A 694 22.55 -3.75 36.29
C TYR A 694 23.93 -3.36 36.83
N GLU A 695 24.96 -3.46 35.99
CA GLU A 695 26.31 -3.10 36.44
C GLU A 695 26.39 -1.64 36.87
N TYR A 696 25.56 -0.77 36.27
CA TYR A 696 25.55 0.63 36.68
C TYR A 696 24.95 0.79 38.08
N LEU A 697 23.80 0.16 38.32
CA LEU A 697 23.16 0.26 39.63
C LEU A 697 23.89 -0.56 40.69
N LYS A 698 24.63 -1.60 40.28
CA LYS A 698 25.40 -2.37 41.24
C LYS A 698 26.45 -1.51 41.92
N GLN A 699 27.10 -0.62 41.16
CA GLN A 699 28.25 0.14 41.63
C GLN A 699 27.86 1.40 42.40
N GLY A 700 26.61 1.54 42.84
CA GLY A 700 26.25 2.71 43.61
C GLY A 700 24.77 3.05 43.68
N GLY A 701 23.95 2.47 42.81
CA GLY A 701 22.54 2.74 42.82
C GLY A 701 22.19 4.07 42.15
N ALA A 702 20.89 4.31 42.02
CA ALA A 702 20.39 5.41 41.21
C ALA A 702 20.70 6.76 41.85
N VAL A 703 21.00 7.74 41.00
CA VAL A 703 21.21 9.13 41.41
C VAL A 703 20.38 10.04 40.51
N LYS A 704 20.38 11.32 40.84
CA LYS A 704 19.69 12.30 40.02
C LYS A 704 20.42 12.48 38.69
N ALA A 705 19.69 12.35 37.59
CA ALA A 705 20.32 12.48 36.28
C ALA A 705 20.92 13.87 36.13
N PHE A 706 22.10 13.94 35.51
CA PHE A 706 22.72 15.22 35.22
C PHE A 706 21.79 16.08 34.38
N ALA A 707 21.76 17.36 34.70
CA ALA A 707 20.99 18.34 33.94
C ALA A 707 21.56 19.72 34.21
N GLY A 708 21.34 20.63 33.28
CA GLY A 708 21.74 22.02 33.49
C GLY A 708 23.11 22.35 32.91
N ASN A 709 23.68 23.43 33.44
CA ASN A 709 24.99 23.91 33.00
C ASN A 709 26.05 22.83 33.15
N GLN A 710 26.75 22.54 32.05
CA GLN A 710 27.80 21.52 32.04
C GLN A 710 29.20 22.11 32.05
N ASP A 711 29.35 23.41 32.28
CA ASP A 711 30.68 23.96 32.49
C ASP A 711 31.27 23.34 33.75
N GLY A 712 32.55 23.02 33.68
CA GLY A 712 33.20 22.32 34.77
C GLY A 712 33.13 20.83 34.67
N LEU A 713 32.32 20.29 33.76
CA LEU A 713 32.37 18.87 33.46
C LEU A 713 33.67 18.55 32.73
N SER A 714 34.19 17.36 32.98
CA SER A 714 35.40 16.92 32.31
C SER A 714 35.15 16.77 30.81
N LYS A 715 36.24 16.80 30.04
CA LYS A 715 36.14 16.68 28.59
C LYS A 715 35.46 15.37 28.18
N GLU A 716 35.84 14.25 28.84
CA GLU A 716 35.23 12.97 28.50
C GLU A 716 33.73 12.97 28.78
N LEU A 717 33.30 13.60 29.87
CA LEU A 717 31.87 13.64 30.17
C LEU A 717 31.13 14.61 29.24
N LYS A 718 31.75 15.75 28.91
CA LYS A 718 31.16 16.62 27.90
C LYS A 718 30.98 15.89 26.58
N ASP A 719 31.99 15.10 26.17
CA ASP A 719 31.88 14.33 24.94
C ASP A 719 30.75 13.31 25.03
N LEU A 720 30.58 12.67 26.18
CA LEU A 720 29.48 11.71 26.32
C LEU A 720 28.12 12.39 26.24
N ARG A 721 27.97 13.55 26.89
CA ARG A 721 26.73 14.30 26.77
C ARG A 721 26.50 14.80 25.35
N HIS A 722 27.58 15.11 24.63
CA HIS A 722 27.42 15.47 23.22
C HIS A 722 26.87 14.29 22.42
N LYS A 723 27.48 13.12 22.60
CA LYS A 723 26.97 11.91 21.94
C LYS A 723 25.53 11.63 22.37
N LEU A 724 25.22 11.86 23.64
CA LEU A 724 23.87 11.58 24.13
C LEU A 724 22.83 12.41 23.40
N HIS A 725 23.02 13.72 23.38
CA HIS A 725 21.99 14.58 22.83
C HIS A 725 22.01 14.58 21.31
N SER A 726 23.16 14.31 20.70
CA SER A 726 23.18 14.03 19.26
C SER A 726 22.36 12.79 18.94
N THR A 727 22.42 11.78 19.82
CA THR A 727 21.64 10.57 19.62
C THR A 727 20.16 10.84 19.77
N THR A 728 19.77 11.61 20.80
CA THR A 728 18.37 11.96 20.99
C THR A 728 17.82 12.71 19.78
N ALA A 729 18.59 13.67 19.25
CA ALA A 729 18.18 14.37 18.04
C ALA A 729 18.01 13.41 16.88
N LYS A 730 19.00 12.55 16.66
CA LYS A 730 18.97 11.60 15.53
C LYS A 730 17.79 10.64 15.64
N VAL A 731 17.62 10.01 16.81
CA VAL A 731 16.55 9.02 16.96
C VAL A 731 15.18 9.67 16.78
N SER A 732 15.01 10.89 17.30
CA SER A 732 13.74 11.58 17.17
C SER A 732 13.41 11.84 15.71
N ASP A 733 14.41 12.18 14.91
CA ASP A 733 14.19 12.39 13.49
C ASP A 733 13.95 11.07 12.77
N ASP A 734 14.64 10.02 13.20
CA ASP A 734 14.47 8.71 12.58
C ASP A 734 13.07 8.15 12.83
N TYR A 735 12.53 8.35 14.04
CA TYR A 735 11.18 7.89 14.31
C TYR A 735 10.15 8.80 13.64
N GLY A 736 10.32 10.10 13.77
CA GLY A 736 9.30 11.05 13.37
C GLY A 736 9.32 11.37 11.89
N ARG A 737 10.46 11.81 11.38
CA ARG A 737 10.52 12.28 10.00
C ARG A 737 10.87 11.15 9.03
N ARG A 738 12.02 10.51 9.22
CA ARG A 738 12.48 9.50 8.27
C ARG A 738 11.72 8.19 8.38
N GLN A 739 11.25 7.83 9.58
CA GLN A 739 10.62 6.54 9.85
C GLN A 739 11.55 5.39 9.46
N GLN A 740 12.83 5.54 9.80
CA GLN A 740 13.86 4.54 9.59
C GLN A 740 14.28 4.02 10.97
N PHE A 741 13.71 2.89 11.39
CA PHE A 741 13.94 2.44 12.76
C PHE A 741 15.27 1.73 12.92
N ASN A 742 15.78 1.07 11.89
CA ASN A 742 17.04 0.34 12.01
C ASN A 742 18.20 1.29 12.34
N THR A 743 18.20 2.49 11.75
CA THR A 743 19.27 3.43 12.05
C THR A 743 19.09 4.11 13.40
N ALA A 744 17.85 4.21 13.88
CA ALA A 744 17.65 4.72 15.23
C ALA A 744 18.25 3.77 16.27
N ILE A 745 18.06 2.46 16.08
CA ILE A 745 18.66 1.49 16.99
C ILE A 745 20.18 1.54 16.90
N ALA A 746 20.73 1.65 15.69
CA ALA A 746 22.17 1.76 15.53
C ALA A 746 22.72 2.98 16.25
N ALA A 747 21.99 4.11 16.17
CA ALA A 747 22.42 5.32 16.87
C ALA A 747 22.50 5.10 18.38
N VAL A 748 21.49 4.44 18.96
CA VAL A 748 21.50 4.16 20.39
C VAL A 748 22.65 3.22 20.73
N MET A 749 22.96 2.27 19.83
CA MET A 749 24.08 1.38 20.08
C MET A 749 25.39 2.15 20.10
N GLU A 750 25.54 3.15 19.24
CA GLU A 750 26.77 3.94 19.24
C GLU A 750 26.91 4.71 20.55
N LEU A 751 25.80 5.23 21.07
CA LEU A 751 25.85 5.92 22.35
C LEU A 751 26.34 4.98 23.45
N LEU A 752 25.81 3.76 23.48
CA LEU A 752 26.24 2.79 24.49
C LEU A 752 27.70 2.41 24.28
N ASN A 753 28.15 2.33 23.02
CA ASN A 753 29.57 2.12 22.77
C ASN A 753 30.40 3.21 23.42
N GLN A 754 30.00 4.47 23.23
CA GLN A 754 30.73 5.59 23.84
C GLN A 754 30.63 5.55 25.36
N TYR A 755 29.42 5.31 25.90
CA TYR A 755 29.28 5.11 27.34
C TYR A 755 30.27 4.08 27.85
N ASP A 756 30.35 2.93 27.17
CA ASP A 756 31.24 1.84 27.61
C ASP A 756 32.68 2.29 27.71
N LYS A 757 33.09 3.27 26.91
CA LYS A 757 34.46 3.74 26.90
C LYS A 757 34.68 4.97 27.76
N THR A 758 33.70 5.35 28.57
CA THR A 758 33.79 6.55 29.39
C THR A 758 33.87 6.19 30.86
N ASP A 759 34.80 6.80 31.59
CA ASP A 759 34.89 6.65 33.04
C ASP A 759 33.77 7.48 33.68
N THR A 760 32.76 6.80 34.20
CA THR A 760 31.62 7.44 34.85
C THR A 760 31.56 7.13 36.34
N GLY A 761 32.69 6.79 36.96
CA GLY A 761 32.69 6.45 38.37
C GLY A 761 32.62 7.62 39.33
N SER A 762 33.12 8.79 38.93
CA SER A 762 33.07 9.97 39.78
C SER A 762 31.62 10.38 40.05
N GLU A 763 31.46 11.33 40.98
CA GLU A 763 30.14 11.85 41.28
C GLU A 763 29.48 12.45 40.04
N GLN A 764 30.17 13.38 39.37
CA GLN A 764 29.64 13.90 38.12
C GLN A 764 29.50 12.79 37.08
N GLY A 765 30.43 11.84 37.08
CA GLY A 765 30.35 10.74 36.14
C GLY A 765 29.09 9.91 36.29
N ARG A 766 28.66 9.68 37.54
CA ARG A 766 27.45 8.89 37.77
C ARG A 766 26.21 9.66 37.34
N ALA A 767 26.19 10.97 37.58
CA ALA A 767 25.06 11.78 37.15
C ALA A 767 24.90 11.75 35.63
N VAL A 768 26.01 11.85 34.89
CA VAL A 768 25.96 11.73 33.44
C VAL A 768 25.57 10.32 33.03
N ALA A 769 26.11 9.30 33.71
CA ALA A 769 25.69 7.93 33.45
C ALA A 769 24.19 7.78 33.61
N GLN A 770 23.63 8.34 34.69
CA GLN A 770 22.19 8.25 34.90
C GLN A 770 21.42 8.90 33.76
N GLU A 771 21.91 10.07 33.30
CA GLU A 771 21.28 10.76 32.19
C GLU A 771 21.30 9.92 30.91
N VAL A 772 22.44 9.31 30.62
CA VAL A 772 22.56 8.51 29.39
C VAL A 772 21.59 7.32 29.44
N LEU A 773 21.61 6.57 30.55
CA LEU A 773 20.78 5.37 30.63
C LEU A 773 19.30 5.71 30.66
N GLU A 774 18.91 6.76 31.38
CA GLU A 774 17.52 7.18 31.37
C GLU A 774 17.07 7.57 29.98
N ALA A 775 17.99 8.08 29.16
CA ALA A 775 17.62 8.46 27.79
C ALA A 775 17.56 7.24 26.89
N ALA A 776 18.59 6.38 26.97
CA ALA A 776 18.65 5.19 26.14
C ALA A 776 17.40 4.33 26.31
N VAL A 777 16.94 4.11 27.56
CA VAL A 777 15.81 3.20 27.74
C VAL A 777 14.52 3.82 27.21
N ARG A 778 14.41 5.15 27.24
CA ARG A 778 13.21 5.78 26.67
C ARG A 778 13.29 5.84 25.15
N LEU A 779 14.48 6.09 24.61
CA LEU A 779 14.67 6.12 23.16
C LEU A 779 14.34 4.77 22.52
N LEU A 780 14.63 3.66 23.22
CA LEU A 780 14.38 2.32 22.73
C LEU A 780 13.00 1.79 23.10
N TRP A 781 12.31 2.43 24.03
CA TRP A 781 11.03 1.94 24.50
C TRP A 781 10.02 1.68 23.37
N PRO A 782 9.91 2.48 22.32
CA PRO A 782 8.99 2.10 21.23
C PRO A 782 9.34 0.78 20.56
N ILE A 783 10.64 0.42 20.50
CA ILE A 783 11.05 -0.84 19.88
C ILE A 783 10.86 -2.00 20.84
N VAL A 784 11.40 -1.89 22.04
CA VAL A 784 11.44 -3.00 22.97
C VAL A 784 10.88 -2.54 24.31
N PRO A 785 9.56 -2.27 24.38
CA PRO A 785 9.03 -1.58 25.56
C PRO A 785 9.08 -2.42 26.82
N HIS A 786 9.08 -3.76 26.72
CA HIS A 786 9.06 -4.59 27.92
C HIS A 786 10.32 -4.40 28.74
N ILE A 787 11.48 -4.68 28.14
CA ILE A 787 12.74 -4.52 28.86
C ILE A 787 12.99 -3.06 29.24
N CYS A 788 12.52 -2.12 28.40
CA CYS A 788 12.76 -0.72 28.70
C CYS A 788 11.90 -0.25 29.86
N GLU A 789 10.64 -0.72 29.92
CA GLU A 789 9.78 -0.42 31.05
C GLU A 789 10.41 -0.90 32.36
N THR A 790 10.91 -2.14 32.38
CA THR A 790 11.49 -2.69 33.59
C THR A 790 12.77 -1.95 33.98
N LEU A 791 13.68 -1.77 33.02
CA LEU A 791 14.94 -1.08 33.30
C LEU A 791 14.69 0.34 33.78
N TRP A 792 13.71 1.02 33.18
CA TRP A 792 13.40 2.38 33.60
C TRP A 792 13.02 2.43 35.07
N SER A 793 12.14 1.51 35.50
CA SER A 793 11.68 1.49 36.88
C SER A 793 12.80 1.18 37.87
N GLU A 794 13.86 0.50 37.44
CA GLU A 794 15.03 0.33 38.30
C GLU A 794 15.90 1.59 38.35
N LEU A 795 15.80 2.47 37.35
CA LEU A 795 16.59 3.69 37.30
C LEU A 795 15.90 4.87 37.96
N ASN A 796 14.57 4.96 37.84
CA ASN A 796 13.82 6.16 38.15
C ASN A 796 12.44 5.76 38.64
N GLY A 797 11.84 6.61 39.48
CA GLY A 797 10.59 6.28 40.15
C GLY A 797 9.35 6.85 39.51
N ALA A 798 9.52 7.77 38.58
CA ALA A 798 8.39 8.35 37.86
C ALA A 798 7.90 7.37 36.81
N LYS A 799 6.65 7.58 36.38
CA LYS A 799 6.12 6.77 35.29
C LYS A 799 6.84 7.13 34.00
N LEU A 800 7.28 6.12 33.26
CA LEU A 800 8.05 6.36 32.04
C LEU A 800 7.27 7.23 31.06
N TRP A 801 5.97 6.96 30.90
CA TRP A 801 5.16 7.74 29.96
C TRP A 801 4.89 9.15 30.45
N GLU A 802 5.10 9.43 31.74
CA GLU A 802 4.96 10.80 32.23
C GLU A 802 6.27 11.57 32.16
N ALA A 803 7.42 10.88 32.26
CA ALA A 803 8.69 11.54 31.98
C ALA A 803 8.80 11.95 30.51
N GLY A 804 8.11 11.23 29.63
CA GLY A 804 8.02 11.65 28.24
C GLY A 804 9.26 11.33 27.43
N TRP A 805 9.16 11.69 26.15
CA TRP A 805 10.25 11.51 25.21
C TRP A 805 11.44 12.37 25.61
N PRO A 806 12.67 11.87 25.50
CA PRO A 806 13.83 12.68 25.91
C PRO A 806 13.96 13.95 25.09
N THR A 807 14.38 15.03 25.76
CA THR A 807 14.61 16.29 25.09
C THR A 807 16.08 16.47 24.74
N VAL A 808 16.32 17.23 23.69
CA VAL A 808 17.68 17.58 23.27
C VAL A 808 18.12 18.80 24.06
N ASP A 809 19.26 18.68 24.75
CA ASP A 809 19.89 19.80 25.45
C ASP A 809 20.88 20.42 24.48
N GLU A 810 20.48 21.55 23.88
CA GLU A 810 21.32 22.18 22.86
C GLU A 810 22.67 22.60 23.44
N ALA A 811 22.71 23.03 24.70
CA ALA A 811 24.00 23.41 25.28
C ALA A 811 24.98 22.25 25.27
N ALA A 812 24.50 21.01 25.35
CA ALA A 812 25.42 19.88 25.29
C ALA A 812 26.01 19.70 23.90
N LEU A 813 25.47 20.36 22.89
CA LEU A 813 25.91 20.15 21.52
C LEU A 813 26.98 21.16 21.08
N VAL A 814 27.31 22.13 21.90
CA VAL A 814 28.33 23.12 21.54
C VAL A 814 29.70 22.59 21.94
N LYS A 815 30.66 22.67 21.03
CA LYS A 815 32.03 22.27 21.32
C LYS A 815 32.86 23.50 21.68
N SER A 816 34.00 23.26 22.31
CA SER A 816 34.79 24.36 22.83
C SER A 816 35.46 25.15 21.72
N GLU A 817 35.75 26.42 22.00
CA GLU A 817 36.37 27.31 21.03
C GLU A 817 37.87 27.05 20.96
N ILE A 818 38.45 27.36 19.79
CA ILE A 818 39.86 27.16 19.53
C ILE A 818 40.55 28.52 19.46
N GLU A 819 41.79 28.58 19.91
CA GLU A 819 42.63 29.76 19.74
C GLU A 819 43.57 29.52 18.56
N VAL A 820 43.55 30.44 17.59
CA VAL A 820 44.32 30.32 16.36
C VAL A 820 45.29 31.50 16.31
N MET A 821 46.53 31.22 15.87
CA MET A 821 47.55 32.26 15.75
C MET A 821 47.40 32.99 14.41
N VAL A 822 47.50 34.31 14.45
CA VAL A 822 47.41 35.14 13.25
C VAL A 822 48.82 35.66 12.95
N GLN A 823 49.33 35.32 11.78
CA GLN A 823 50.65 35.75 11.34
C GLN A 823 50.54 36.67 10.13
N VAL A 824 51.47 37.61 10.04
CA VAL A 824 51.63 38.46 8.87
C VAL A 824 53.00 38.13 8.28
N ASN A 825 53.00 37.53 7.09
CA ASN A 825 54.23 37.07 6.43
C ASN A 825 54.98 36.07 7.30
N GLY A 826 54.25 35.20 8.00
CA GLY A 826 54.85 34.16 8.80
C GLY A 826 55.30 34.56 10.19
N LYS A 827 55.15 35.83 10.57
CA LYS A 827 55.56 36.30 11.88
C LYS A 827 54.32 36.46 12.77
N LEU A 828 54.37 35.86 13.96
CA LEU A 828 53.22 35.88 14.87
C LEU A 828 52.89 37.31 15.28
N ARG A 829 51.68 37.75 14.98
CA ARG A 829 51.28 39.13 15.25
C ARG A 829 49.96 39.25 15.99
N GLY A 830 49.28 38.15 16.27
CA GLY A 830 48.02 38.23 16.99
C GLY A 830 47.45 36.85 17.20
N LYS A 831 46.32 36.82 17.90
CA LYS A 831 45.62 35.59 18.21
C LYS A 831 44.12 35.84 18.11
N ILE A 832 43.39 34.84 17.61
CA ILE A 832 41.94 34.91 17.46
C ILE A 832 41.32 33.71 18.15
N THR A 833 40.12 33.90 18.67
CA THR A 833 39.33 32.84 19.27
C THR A 833 38.16 32.55 18.34
N VAL A 834 38.08 31.31 17.85
CA VAL A 834 37.14 30.94 16.81
C VAL A 834 36.34 29.71 17.23
N ALA A 835 35.18 29.56 16.64
CA ALA A 835 34.34 28.40 16.90
C ALA A 835 35.05 27.13 16.43
N ALA A 836 34.74 26.01 17.10
CA ALA A 836 35.22 24.72 16.63
C ALA A 836 34.64 24.36 15.27
N ASP A 837 33.52 24.96 14.88
CA ASP A 837 32.91 24.76 13.57
C ASP A 837 33.25 25.88 12.60
N ALA A 838 34.18 26.75 12.95
CA ALA A 838 34.53 27.89 12.10
C ALA A 838 35.17 27.39 10.81
N SER A 839 34.59 27.78 9.68
CA SER A 839 35.13 27.40 8.39
C SER A 839 36.44 28.12 8.13
N LYS A 840 37.12 27.74 7.04
CA LYS A 840 38.33 28.43 6.65
C LYS A 840 38.06 29.88 6.27
N ALA A 841 36.87 30.16 5.72
CA ALA A 841 36.51 31.54 5.41
C ALA A 841 36.31 32.38 6.67
N ASP A 842 35.82 31.76 7.75
CA ASP A 842 35.69 32.49 9.00
C ASP A 842 37.05 32.74 9.66
N LEU A 843 37.99 31.79 9.51
CA LEU A 843 39.34 32.03 10.00
C LEU A 843 40.01 33.17 9.24
N GLU A 844 39.85 33.19 7.91
CA GLU A 844 40.33 34.33 7.12
C GLU A 844 39.69 35.62 7.58
N ALA A 845 38.36 35.62 7.75
CA ALA A 845 37.65 36.84 8.14
C ALA A 845 38.10 37.32 9.51
N ALA A 846 38.31 36.39 10.45
CA ALA A 846 38.73 36.77 11.80
C ALA A 846 40.19 37.20 11.84
N ALA A 847 41.05 36.61 10.99
CA ALA A 847 42.46 36.98 10.98
C ALA A 847 42.66 38.35 10.35
N LEU A 848 41.93 38.66 9.28
CA LEU A 848 42.07 39.97 8.64
C LEU A 848 41.66 41.09 9.58
N ALA A 849 40.73 40.82 10.49
CA ALA A 849 40.22 41.82 11.43
C ALA A 849 40.99 41.86 12.74
N ASN A 850 42.06 41.08 12.88
CA ASN A 850 42.82 41.05 14.12
C ASN A 850 43.58 42.36 14.31
N GLU A 851 43.71 42.79 15.57
CA GLU A 851 44.35 44.06 15.88
C GLU A 851 45.81 44.06 15.43
N GLY A 852 46.61 43.13 15.97
CA GLY A 852 48.01 43.06 15.59
C GLY A 852 48.26 42.70 14.14
N ALA A 853 47.27 42.08 13.48
CA ALA A 853 47.42 41.77 12.07
C ALA A 853 47.24 43.00 11.19
N VAL A 854 46.26 43.84 11.52
CA VAL A 854 45.98 45.02 10.69
C VAL A 854 47.09 46.05 10.82
N LYS A 855 47.76 46.12 11.98
CA LYS A 855 48.82 47.10 12.16
C LYS A 855 50.07 46.70 11.39
N PHE A 856 50.46 45.43 11.45
CA PHE A 856 51.66 44.96 10.77
C PHE A 856 51.41 44.62 9.30
N MET A 857 50.25 44.95 8.75
CA MET A 857 50.00 44.78 7.32
C MET A 857 50.28 46.05 6.52
N GLU A 858 50.51 47.18 7.20
CA GLU A 858 50.92 48.43 6.56
C GLU A 858 50.01 48.81 5.40
N GLY A 859 48.72 48.48 5.53
CA GLY A 859 47.72 48.86 4.56
C GLY A 859 47.81 48.07 3.27
N LYS A 860 48.84 47.22 3.18
CA LYS A 860 49.03 46.46 1.96
C LYS A 860 48.01 45.31 1.90
N PRO A 861 47.56 44.95 0.70
CA PRO A 861 46.61 43.84 0.57
C PRO A 861 47.31 42.51 0.78
N ALA A 862 46.49 41.47 0.91
CA ALA A 862 46.97 40.11 1.07
C ALA A 862 47.17 39.47 -0.29
N LYS A 863 48.39 39.03 -0.58
CA LYS A 863 48.64 38.27 -1.80
C LYS A 863 48.10 36.85 -1.69
N LYS A 864 48.25 36.23 -0.53
CA LYS A 864 47.68 34.92 -0.26
C LYS A 864 47.45 34.80 1.24
N ILE A 865 46.42 34.04 1.61
CA ILE A 865 46.09 33.80 3.00
C ILE A 865 46.12 32.29 3.23
N ILE A 866 47.14 31.82 3.94
CA ILE A 866 47.28 30.41 4.26
C ILE A 866 46.52 30.13 5.56
N VAL A 867 45.63 29.14 5.53
CA VAL A 867 44.76 28.82 6.64
C VAL A 867 45.00 27.37 7.03
N VAL A 868 45.64 27.16 8.18
CA VAL A 868 45.71 25.83 8.79
C VAL A 868 44.65 25.77 9.88
N PRO A 869 43.52 25.09 9.64
CA PRO A 869 42.46 25.04 10.64
C PRO A 869 42.98 24.50 11.97
N GLY A 870 42.66 25.22 13.05
CA GLY A 870 43.03 24.82 14.38
C GLY A 870 44.42 25.24 14.83
N ARG A 871 45.30 25.65 13.91
CA ARG A 871 46.65 26.07 14.29
C ARG A 871 46.89 27.54 13.95
N LEU A 872 46.95 27.91 12.67
CA LEU A 872 47.36 29.27 12.36
C LEU A 872 46.65 29.75 11.10
N VAL A 873 46.66 31.08 10.94
CA VAL A 873 46.36 31.73 9.68
C VAL A 873 47.55 32.62 9.33
N ASN A 874 48.03 32.50 8.10
CA ASN A 874 49.18 33.26 7.63
C ASN A 874 48.71 34.18 6.51
N ILE A 875 48.83 35.48 6.72
CA ILE A 875 48.48 36.49 5.73
C ILE A 875 49.77 37.00 5.12
N VAL A 876 49.90 36.84 3.80
CA VAL A 876 51.11 37.29 3.12
C VAL A 876 50.75 38.34 2.07
C1 EDO B . 13.62 14.74 30.17
O1 EDO B . 13.91 13.81 31.20
C2 EDO B . 14.92 15.13 29.47
O2 EDO B . 15.46 14.02 28.75
PG ATP C . -1.60 6.95 -24.56
O1G ATP C . -1.35 8.31 -25.14
O2G ATP C . -0.63 6.61 -23.41
O3G ATP C . -1.52 5.82 -25.59
PB ATP C . -3.69 5.91 -22.82
O1B ATP C . -3.11 4.55 -22.89
O2B ATP C . -3.57 6.63 -21.48
O3B ATP C . -3.06 6.86 -23.92
PA ATP C . -6.21 4.75 -23.70
O1A ATP C . -7.56 5.26 -24.01
O2A ATP C . -6.15 3.64 -22.67
O3A ATP C . -5.23 5.92 -23.21
O5' ATP C . -5.44 4.25 -25.02
C5' ATP C . -5.13 5.16 -26.10
C4' ATP C . -5.53 4.52 -27.41
O4' ATP C . -6.35 3.37 -27.15
C3' ATP C . -6.38 5.38 -28.32
O3' ATP C . -5.58 6.25 -29.13
C2' ATP C . -7.10 4.35 -29.19
O2' ATP C . -6.43 4.19 -30.43
C1' ATP C . -7.06 3.07 -28.33
N9 ATP C . -8.38 2.56 -27.98
C8 ATP C . -9.53 3.29 -27.83
N7 ATP C . -10.60 2.56 -27.62
C5 ATP C . -10.12 1.26 -27.62
C6 ATP C . -10.76 0.01 -27.47
N6 ATP C . -12.09 -0.14 -27.37
N1 ATP C . -9.98 -1.09 -27.49
C2 ATP C . -8.67 -0.96 -27.67
N3 ATP C . -7.96 0.16 -27.85
C4 ATP C . -8.75 1.24 -27.82
C1 EDO D . -32.98 -12.51 8.28
O1 EDO D . -31.78 -13.21 8.60
C2 EDO D . -32.76 -11.01 8.40
O2 EDO D . -32.43 -10.68 9.76
C2 USB E . 5.49 -8.37 5.48
C4 USB E . 3.36 -8.95 5.41
C5 USB E . 3.67 -10.25 5.07
C6 USB E . 5.04 -10.57 4.92
C8 USB E . 1.55 -10.18 5.21
N USB E . -7.15 -7.91 5.52
CA USB E . -6.22 -7.40 4.49
C USB E . -4.84 -8.04 4.52
O USB E . -3.98 -7.70 3.76
CB USB E . -6.07 -5.88 4.63
CG USB E . -7.29 -5.05 4.26
CD1 USB E . -7.60 -5.12 2.77
CD2 USB E . -7.09 -3.60 4.71
C1' USB E . 1.18 -7.73 5.77
C2' USB E . 0.23 -7.37 4.62
C3' USB E . -0.80 -6.51 5.36
C4' USB E . -0.88 -7.20 6.73
C5' USB E . -2.10 -8.07 6.94
N1 USB E . 5.94 -9.58 5.13
N3 USB E . 4.23 -7.95 5.64
N6 USB E . 5.49 -11.77 4.56
N7 USB E . 2.52 -11.02 4.94
N9 USB E . 2.00 -8.90 5.50
O1P USB E . -3.05 -10.71 4.35
O2' USB E . 0.97 -6.64 3.65
O2P USB E . -3.64 -10.84 6.84
O3' USB E . -0.35 -5.17 5.46
O4' USB E . 0.33 -7.99 6.86
O5' USB E . -2.08 -9.07 5.90
OPP USB E . -4.57 -9.01 5.41
P USB E . -3.34 -10.03 5.64
ZN ZN F . -43.82 -5.78 -3.02
MG MG G . -2.56 19.69 2.37
#